data_4C57
#
_entry.id   4C57
#
_cell.length_a   75.160
_cell.length_b   86.660
_cell.length_c   83.910
_cell.angle_alpha   90.00
_cell.angle_beta   96.44
_cell.angle_gamma   90.00
#
_symmetry.space_group_name_H-M   'P 1 21 1'
#
loop_
_entity.id
_entity.type
_entity.pdbx_description
1 polymer 'Cyclin-G-associated kinase'
2 polymer NANOBODY
3 non-polymer 'SULFATE ION'
4 non-polymer 1,2-ETHANEDIOL
5 non-polymer "(2Z,3E)-2,3'-BIINDOLE-2',3(1H,1'H)-DIONE 3-{O-[(3R)-3,4-DIHYDROXYBUTYL]OXIME}"
6 water water
#
loop_
_entity_poly.entity_id
_entity_poly.type
_entity_poly.pdbx_seq_one_letter_code
_entity_poly.pdbx_strand_id
1 'polypeptide(L)'
;SMPGSLGGASGRDQSDFVGQTVELGELRLRVRRVLAEGGFAFVYEAQDVGSGREYALKRLLSNEEEKNRAIIQEVCFMKK
LSGHPNIVQFCSAASIGKEESDTGQAEFLLLTELCKGQLVEFLKKMESRGPLSCDTVLKIFYQTCRAVQHMHRQKPPIIH
RDLKVENLLLSNQGTIKLCDFGSATTISHYPDYSWSAQRRALVEEEITRNTTPMYRTPEIIDLYSNFPIGEKQDIWALGC
ILYLLCFRQHPFEDGAKLRIVNGKYSIPPHDTQYTVFHSLIRAMLQVNPEERLSIAEVVHQLQEIAAARNVNPKSPITEL
LEQNGGYGSATLSRGPPPPV
;
A,B
2 'polypeptide(L)'
;QVQLQESGGGLVQPGGSLRLSCSASGFKFNDSYMSWVRRVPGKGLEWVAGIWEDSSAAHYRDSVKGRFTISRDNAKNMLY
LQMSSLKSDDTGLYYCVRRGYSGDYRPINNPSSQGTQVTVSSAAAYPYDVPDYGSHHHHHH
;
C,D
#
# COMPACT_ATOMS: atom_id res chain seq x y z
N GLN A 14 9.86 -18.17 -12.79
CA GLN A 14 8.70 -17.49 -13.39
C GLN A 14 7.67 -18.52 -13.93
N SER A 15 8.02 -19.25 -15.02
CA SER A 15 7.22 -20.32 -15.61
C SER A 15 7.01 -21.45 -14.57
N ASP A 16 8.07 -21.70 -13.75
CA ASP A 16 8.13 -22.69 -12.69
C ASP A 16 7.23 -22.35 -11.49
N PHE A 17 6.76 -21.10 -11.35
CA PHE A 17 5.85 -20.64 -10.29
C PHE A 17 4.41 -21.21 -10.44
N VAL A 18 4.14 -21.92 -11.54
CA VAL A 18 2.89 -22.61 -11.81
C VAL A 18 2.93 -23.91 -10.98
N GLY A 19 1.83 -24.18 -10.24
CA GLY A 19 1.69 -25.32 -9.35
C GLY A 19 1.92 -24.98 -7.90
N GLN A 20 2.25 -23.71 -7.64
CA GLN A 20 2.50 -23.17 -6.31
C GLN A 20 1.19 -22.87 -5.58
N THR A 21 1.23 -22.83 -4.24
CA THR A 21 0.08 -22.49 -3.43
C THR A 21 0.48 -21.29 -2.58
N VAL A 22 0.18 -20.13 -3.09
CA VAL A 22 0.47 -18.82 -2.53
C VAL A 22 -0.53 -18.45 -1.44
N GLU A 23 -0.03 -17.93 -0.32
CA GLU A 23 -0.87 -17.44 0.77
C GLU A 23 -0.85 -15.91 0.76
N LEU A 24 -2.04 -15.29 0.72
CA LEU A 24 -2.27 -13.85 0.75
C LEU A 24 -3.43 -13.57 1.74
N GLY A 25 -3.08 -13.44 3.00
CA GLY A 25 -4.03 -13.24 4.07
C GLY A 25 -4.65 -14.56 4.46
N GLU A 26 -5.99 -14.64 4.35
CA GLU A 26 -6.73 -15.86 4.65
C GLU A 26 -6.86 -16.73 3.39
N LEU A 27 -6.48 -16.18 2.23
CA LEU A 27 -6.54 -16.84 0.92
C LEU A 27 -5.37 -17.78 0.69
N ARG A 28 -5.64 -18.91 0.01
CA ARG A 28 -4.60 -19.90 -0.34
C ARG A 28 -4.80 -20.22 -1.81
N LEU A 29 -4.13 -19.43 -2.62
CA LEU A 29 -4.25 -19.42 -4.06
C LEU A 29 -3.37 -20.42 -4.73
N ARG A 30 -3.97 -21.32 -5.49
CA ARG A 30 -3.22 -22.24 -6.32
C ARG A 30 -2.89 -21.48 -7.64
N VAL A 31 -1.59 -21.39 -7.98
CA VAL A 31 -1.19 -20.74 -9.23
C VAL A 31 -1.40 -21.76 -10.34
N ARG A 32 -2.37 -21.48 -11.21
CA ARG A 32 -2.81 -22.42 -12.24
C ARG A 32 -2.05 -22.35 -13.55
N ARG A 33 -1.91 -21.14 -14.14
CA ARG A 33 -1.40 -20.97 -15.49
C ARG A 33 -0.98 -19.54 -15.77
N VAL A 34 0.06 -19.35 -16.61
CA VAL A 34 0.59 -18.04 -17.01
C VAL A 34 -0.38 -17.41 -18.03
N LEU A 35 -0.70 -16.11 -17.82
CA LEU A 35 -1.59 -15.36 -18.70
C LEU A 35 -0.80 -14.33 -19.51
N ALA A 36 0.19 -13.68 -18.86
CA ALA A 36 1.03 -12.64 -19.46
C ALA A 36 2.47 -12.60 -18.87
N GLU A 37 3.43 -12.11 -19.67
CA GLU A 37 4.86 -11.89 -19.37
C GLU A 37 5.26 -10.51 -19.95
N GLY A 38 5.61 -9.56 -19.07
CA GLY A 38 5.96 -8.19 -19.48
C GLY A 38 7.19 -7.61 -18.82
N GLY A 39 8.33 -8.24 -19.07
CA GLY A 39 9.61 -7.84 -18.53
C GLY A 39 9.93 -8.57 -17.25
N PHE A 40 9.95 -7.79 -16.13
CA PHE A 40 10.24 -8.29 -14.77
C PHE A 40 8.96 -8.82 -14.05
N ALA A 41 7.77 -8.74 -14.71
CA ALA A 41 6.50 -9.20 -14.15
C ALA A 41 5.81 -10.30 -14.98
N PHE A 42 5.14 -11.20 -14.26
CA PHE A 42 4.34 -12.30 -14.82
C PHE A 42 2.91 -12.20 -14.29
N VAL A 43 1.90 -12.56 -15.13
CA VAL A 43 0.49 -12.56 -14.70
C VAL A 43 -0.05 -13.99 -14.77
N TYR A 44 -0.53 -14.50 -13.62
CA TYR A 44 -1.06 -15.88 -13.55
C TYR A 44 -2.53 -15.96 -13.15
N GLU A 45 -3.17 -17.04 -13.54
CA GLU A 45 -4.54 -17.34 -13.17
C GLU A 45 -4.41 -18.11 -11.86
N ALA A 46 -4.81 -17.49 -10.75
CA ALA A 46 -4.77 -18.08 -9.41
C ALA A 46 -6.17 -18.45 -8.98
N GLN A 47 -6.34 -19.56 -8.19
CA GLN A 47 -7.68 -20.02 -7.73
C GLN A 47 -7.66 -20.36 -6.26
N ASP A 48 -8.60 -19.81 -5.45
CA ASP A 48 -8.63 -20.15 -4.02
C ASP A 48 -9.03 -21.61 -3.82
N VAL A 49 -8.26 -22.35 -3.01
CA VAL A 49 -8.47 -23.76 -2.78
C VAL A 49 -9.67 -24.00 -1.83
N GLY A 50 -10.02 -22.98 -1.02
CA GLY A 50 -11.13 -23.09 -0.07
C GLY A 50 -12.48 -22.58 -0.56
N SER A 51 -12.49 -21.66 -1.57
CA SER A 51 -13.71 -21.06 -2.09
C SER A 51 -13.99 -21.41 -3.56
N GLY A 52 -12.94 -21.58 -4.35
CA GLY A 52 -13.02 -21.86 -5.78
C GLY A 52 -13.04 -20.58 -6.59
N ARG A 53 -12.88 -19.42 -5.93
CA ARG A 53 -12.91 -18.13 -6.61
C ARG A 53 -11.59 -17.95 -7.31
N GLU A 54 -11.66 -17.51 -8.56
CA GLU A 54 -10.51 -17.30 -9.42
C GLU A 54 -10.11 -15.83 -9.42
N TYR A 55 -8.79 -15.59 -9.44
CA TYR A 55 -8.17 -14.26 -9.40
C TYR A 55 -7.06 -14.15 -10.41
N ALA A 56 -6.49 -12.94 -10.54
CA ALA A 56 -5.27 -12.68 -11.30
C ALA A 56 -4.16 -12.40 -10.31
N LEU A 57 -3.03 -13.09 -10.49
CA LEU A 57 -1.86 -12.88 -9.66
C LEU A 57 -0.75 -12.31 -10.52
N LYS A 58 -0.28 -11.08 -10.20
CA LYS A 58 0.85 -10.43 -10.86
C LYS A 58 2.07 -10.60 -9.98
N ARG A 59 3.12 -11.23 -10.52
CA ARG A 59 4.37 -11.47 -9.80
C ARG A 59 5.48 -10.60 -10.37
N LEU A 60 6.28 -9.99 -9.48
CA LEU A 60 7.41 -9.11 -9.85
C LEU A 60 8.62 -9.41 -9.00
N LEU A 61 9.72 -9.77 -9.67
CA LEU A 61 11.00 -10.08 -9.01
C LEU A 61 12.02 -9.01 -9.36
N SER A 62 12.57 -8.36 -8.31
CA SER A 62 13.60 -7.30 -8.41
C SER A 62 14.23 -7.04 -7.05
N ASN A 63 15.48 -6.62 -7.05
CA ASN A 63 16.23 -6.28 -5.85
C ASN A 63 16.63 -4.78 -5.89
N GLU A 64 16.21 -4.10 -6.97
CA GLU A 64 16.43 -2.68 -7.24
C GLU A 64 15.48 -1.83 -6.41
N GLU A 65 16.04 -0.93 -5.58
CA GLU A 65 15.28 -0.04 -4.70
C GLU A 65 14.36 0.91 -5.47
N GLU A 66 14.78 1.36 -6.65
CA GLU A 66 13.96 2.26 -7.47
C GLU A 66 12.69 1.55 -7.93
N LYS A 67 12.80 0.22 -8.21
CA LYS A 67 11.65 -0.59 -8.65
C LYS A 67 10.70 -0.82 -7.48
N ASN A 68 11.27 -1.15 -6.30
CA ASN A 68 10.50 -1.39 -5.08
C ASN A 68 9.63 -0.15 -4.78
N ARG A 69 10.25 1.06 -4.87
CA ARG A 69 9.55 2.33 -4.67
C ARG A 69 8.46 2.57 -5.74
N ALA A 70 8.70 2.17 -7.01
CA ALA A 70 7.71 2.35 -8.08
C ALA A 70 6.57 1.38 -7.93
N ILE A 71 6.83 0.17 -7.41
CA ILE A 71 5.80 -0.83 -7.19
C ILE A 71 4.86 -0.30 -6.10
N ILE A 72 5.43 0.23 -4.97
CA ILE A 72 4.67 0.86 -3.86
C ILE A 72 3.68 1.92 -4.42
N GLN A 73 4.16 2.89 -5.22
CA GLN A 73 3.35 3.94 -5.83
C GLN A 73 2.16 3.34 -6.65
N GLU A 74 2.47 2.41 -7.61
CA GLU A 74 1.48 1.78 -8.48
C GLU A 74 0.43 1.09 -7.65
N VAL A 75 0.84 0.30 -6.66
CA VAL A 75 -0.08 -0.45 -5.80
C VAL A 75 -0.93 0.55 -4.98
N CYS A 76 -0.34 1.67 -4.53
CA CYS A 76 -1.07 2.70 -3.79
C CYS A 76 -2.12 3.36 -4.68
N PHE A 77 -1.82 3.60 -5.96
CA PHE A 77 -2.80 4.16 -6.88
C PHE A 77 -3.95 3.14 -7.06
N MET A 78 -3.62 1.85 -7.29
CA MET A 78 -4.62 0.80 -7.49
C MET A 78 -5.56 0.67 -6.29
N LYS A 79 -5.02 0.71 -5.03
CA LYS A 79 -5.81 0.63 -3.80
C LYS A 79 -6.84 1.78 -3.77
N LYS A 80 -6.39 2.99 -4.12
CA LYS A 80 -7.20 4.18 -4.17
C LYS A 80 -8.24 4.15 -5.31
N LEU A 81 -7.86 3.63 -6.49
CA LEU A 81 -8.78 3.63 -7.64
C LEU A 81 -9.73 2.46 -7.71
N SER A 82 -9.50 1.46 -6.86
CA SER A 82 -10.33 0.26 -6.84
C SER A 82 -11.77 0.59 -6.52
N GLY A 83 -12.69 -0.22 -7.07
CA GLY A 83 -14.11 -0.06 -6.82
C GLY A 83 -14.86 0.65 -7.93
N HIS A 84 -14.17 1.22 -8.92
CA HIS A 84 -14.84 1.84 -10.05
C HIS A 84 -15.15 0.73 -11.03
N PRO A 85 -16.27 0.73 -11.73
CA PRO A 85 -16.53 -0.43 -12.61
C PRO A 85 -15.49 -0.62 -13.73
N ASN A 86 -14.63 0.38 -14.00
CA ASN A 86 -13.67 0.25 -15.10
C ASN A 86 -12.23 0.23 -14.69
N ILE A 87 -11.97 0.17 -13.39
CA ILE A 87 -10.63 -0.01 -12.81
C ILE A 87 -10.61 -1.49 -12.39
N VAL A 88 -9.51 -2.19 -12.62
CA VAL A 88 -9.42 -3.60 -12.24
C VAL A 88 -9.51 -3.68 -10.69
N GLN A 89 -10.40 -4.55 -10.16
CA GLN A 89 -10.61 -4.61 -8.71
C GLN A 89 -9.42 -5.21 -7.95
N PHE A 90 -8.86 -4.43 -6.97
CA PHE A 90 -7.77 -4.83 -6.09
C PHE A 90 -8.29 -5.75 -5.01
N CYS A 91 -7.57 -6.87 -4.73
CA CYS A 91 -7.99 -7.82 -3.71
C CYS A 91 -6.97 -7.84 -2.54
N SER A 92 -5.68 -8.02 -2.87
CA SER A 92 -4.60 -8.03 -1.89
C SER A 92 -3.28 -7.95 -2.58
N ALA A 93 -2.22 -7.65 -1.82
CA ALA A 93 -0.84 -7.58 -2.30
C ALA A 93 0.14 -7.93 -1.20
N ALA A 94 1.36 -8.37 -1.60
CA ALA A 94 2.44 -8.71 -0.66
C ALA A 94 3.80 -8.35 -1.21
N SER A 95 4.68 -7.94 -0.30
CA SER A 95 6.07 -7.57 -0.57
C SER A 95 6.99 -8.44 0.33
N ILE A 96 7.43 -9.60 -0.22
CA ILE A 96 8.34 -10.51 0.48
C ILE A 96 9.79 -10.05 0.27
N GLY A 97 10.56 -10.06 1.34
CA GLY A 97 11.95 -9.59 1.37
C GLY A 97 12.98 -10.35 0.53
N LYS A 98 14.17 -9.73 0.37
CA LYS A 98 15.34 -10.23 -0.37
C LYS A 98 15.80 -11.60 0.16
N GLU A 99 15.83 -11.75 1.49
CA GLU A 99 16.24 -12.96 2.20
C GLU A 99 15.10 -13.98 2.27
N GLU A 100 13.87 -13.48 2.45
CA GLU A 100 12.62 -14.22 2.65
C GLU A 100 12.06 -14.89 1.36
N SER A 101 12.73 -14.67 0.20
CA SER A 101 12.32 -15.25 -1.09
C SER A 101 13.33 -16.31 -1.59
N ASP A 102 12.85 -17.28 -2.40
CA ASP A 102 13.63 -18.39 -2.99
C ASP A 102 14.69 -17.86 -3.98
N THR A 103 14.27 -16.95 -4.90
CA THR A 103 15.07 -16.31 -5.94
C THR A 103 16.19 -15.41 -5.41
N GLY A 104 16.06 -14.96 -4.16
CA GLY A 104 17.02 -14.08 -3.50
C GLY A 104 16.75 -12.61 -3.78
N GLN A 105 15.68 -12.35 -4.57
CA GLN A 105 15.20 -11.02 -4.96
C GLN A 105 14.01 -10.65 -4.12
N ALA A 106 13.72 -9.35 -3.98
CA ALA A 106 12.52 -8.92 -3.28
C ALA A 106 11.30 -9.29 -4.17
N GLU A 107 10.32 -10.01 -3.60
CA GLU A 107 9.16 -10.52 -4.33
C GLU A 107 7.93 -9.64 -4.11
N PHE A 108 7.30 -9.23 -5.22
CA PHE A 108 6.10 -8.40 -5.23
C PHE A 108 4.93 -9.18 -5.85
N LEU A 109 3.88 -9.38 -5.05
CA LEU A 109 2.70 -10.12 -5.49
C LEU A 109 1.48 -9.20 -5.47
N LEU A 110 0.73 -9.16 -6.58
CA LEU A 110 -0.50 -8.39 -6.73
C LEU A 110 -1.66 -9.32 -7.09
N LEU A 111 -2.74 -9.28 -6.30
CA LEU A 111 -3.92 -10.10 -6.50
C LEU A 111 -5.10 -9.21 -6.81
N THR A 112 -5.67 -9.40 -8.00
CA THR A 112 -6.81 -8.63 -8.52
C THR A 112 -7.93 -9.55 -9.05
N GLU A 113 -9.03 -8.95 -9.56
CA GLU A 113 -10.09 -9.72 -10.22
C GLU A 113 -9.51 -10.29 -11.52
N LEU A 114 -10.04 -11.44 -11.95
CA LEU A 114 -9.60 -12.11 -13.16
C LEU A 114 -10.40 -11.58 -14.35
N CYS A 115 -9.71 -11.04 -15.35
CA CYS A 115 -10.33 -10.53 -16.57
C CYS A 115 -10.28 -11.59 -17.67
N LYS A 116 -11.17 -11.51 -18.67
CA LYS A 116 -11.27 -12.52 -19.74
C LYS A 116 -10.00 -12.55 -20.58
N GLY A 117 -9.44 -11.37 -20.86
CA GLY A 117 -8.23 -11.19 -21.64
C GLY A 117 -7.92 -9.74 -21.96
N GLN A 118 -6.91 -9.52 -22.80
CA GLN A 118 -6.52 -8.19 -23.24
C GLN A 118 -7.41 -7.68 -24.37
N LEU A 119 -7.76 -6.38 -24.37
CA LEU A 119 -8.60 -5.77 -25.42
C LEU A 119 -8.00 -5.97 -26.81
N VAL A 120 -6.69 -5.77 -26.93
CA VAL A 120 -5.90 -5.93 -28.14
C VAL A 120 -6.10 -7.31 -28.81
N GLU A 121 -6.16 -8.38 -27.99
CA GLU A 121 -6.37 -9.74 -28.48
C GLU A 121 -7.81 -9.95 -28.92
N PHE A 122 -8.75 -9.17 -28.35
CA PHE A 122 -10.17 -9.24 -28.73
C PHE A 122 -10.39 -8.51 -30.06
N LEU A 123 -9.79 -7.30 -30.22
CA LEU A 123 -9.92 -6.52 -31.46
C LEU A 123 -9.26 -7.25 -32.65
N LYS A 124 -8.09 -7.92 -32.41
CA LYS A 124 -7.36 -8.71 -33.42
C LYS A 124 -8.25 -9.82 -34.02
N LYS A 125 -9.21 -10.36 -33.25
CA LYS A 125 -10.14 -11.40 -33.71
C LYS A 125 -11.33 -10.80 -34.49
N MET A 126 -11.59 -9.49 -34.31
CA MET A 126 -12.71 -8.76 -34.91
C MET A 126 -12.41 -8.14 -36.28
N GLU A 127 -11.11 -7.91 -36.60
CA GLU A 127 -10.66 -7.31 -37.85
C GLU A 127 -11.05 -8.18 -39.07
N SER A 128 -11.09 -9.52 -38.87
CA SER A 128 -11.49 -10.52 -39.86
C SER A 128 -12.95 -10.30 -40.24
N ARG A 129 -13.79 -9.95 -39.24
CA ARG A 129 -15.22 -9.66 -39.37
C ARG A 129 -15.48 -8.26 -39.97
N GLY A 130 -14.43 -7.42 -40.05
CA GLY A 130 -14.53 -6.06 -40.61
C GLY A 130 -14.45 -4.94 -39.59
N PRO A 131 -14.73 -3.67 -39.98
CA PRO A 131 -14.68 -2.55 -39.01
C PRO A 131 -15.74 -2.69 -37.90
N LEU A 132 -15.37 -2.24 -36.69
CA LEU A 132 -16.26 -2.29 -35.53
C LEU A 132 -17.44 -1.40 -35.71
N SER A 133 -18.57 -1.81 -35.15
CA SER A 133 -19.76 -0.98 -35.16
C SER A 133 -19.51 0.23 -34.27
N CYS A 134 -20.21 1.29 -34.59
CA CYS A 134 -20.22 2.56 -33.91
C CYS A 134 -20.57 2.40 -32.41
N ASP A 135 -21.53 1.52 -32.10
CA ASP A 135 -22.02 1.19 -30.76
C ASP A 135 -20.95 0.51 -29.96
N THR A 136 -20.15 -0.37 -30.62
CA THR A 136 -19.02 -1.10 -29.99
C THR A 136 -17.96 -0.12 -29.59
N VAL A 137 -17.62 0.82 -30.52
CA VAL A 137 -16.61 1.85 -30.33
C VAL A 137 -17.00 2.75 -29.17
N LEU A 138 -18.27 3.19 -29.16
CA LEU A 138 -18.83 4.05 -28.13
C LEU A 138 -18.69 3.41 -26.74
N LYS A 139 -19.02 2.10 -26.62
CA LYS A 139 -18.90 1.40 -25.33
C LYS A 139 -17.44 1.26 -24.94
N ILE A 140 -16.56 0.78 -25.87
CA ILE A 140 -15.12 0.64 -25.57
C ILE A 140 -14.59 1.98 -25.06
N PHE A 141 -14.82 3.05 -25.85
CA PHE A 141 -14.33 4.38 -25.54
C PHE A 141 -14.92 5.01 -24.28
N TYR A 142 -16.23 4.98 -24.11
CA TYR A 142 -16.91 5.53 -22.96
C TYR A 142 -16.41 4.90 -21.66
N GLN A 143 -16.25 3.55 -21.63
CA GLN A 143 -15.83 2.81 -20.45
C GLN A 143 -14.40 3.15 -20.11
N THR A 144 -13.58 3.36 -21.15
CA THR A 144 -12.18 3.75 -20.97
C THR A 144 -12.12 5.16 -20.33
N CYS A 145 -12.90 6.17 -20.85
CA CYS A 145 -12.92 7.55 -20.37
C CYS A 145 -13.45 7.64 -18.98
N ARG A 146 -14.34 6.70 -18.65
CA ARG A 146 -14.98 6.60 -17.37
C ARG A 146 -13.93 6.20 -16.30
N ALA A 147 -12.94 5.38 -16.71
CA ALA A 147 -11.82 4.97 -15.85
C ALA A 147 -10.91 6.16 -15.60
N VAL A 148 -10.53 6.87 -16.67
CA VAL A 148 -9.69 8.08 -16.66
C VAL A 148 -10.35 9.16 -15.84
N GLN A 149 -11.69 9.33 -15.95
CA GLN A 149 -12.46 10.31 -15.18
C GLN A 149 -12.31 10.06 -13.68
N HIS A 150 -12.38 8.77 -13.27
CA HIS A 150 -12.23 8.36 -11.87
C HIS A 150 -10.83 8.75 -11.33
N MET A 151 -9.80 8.67 -12.21
CA MET A 151 -8.42 9.03 -11.92
C MET A 151 -8.28 10.55 -11.73
N HIS A 152 -8.72 11.35 -12.73
CA HIS A 152 -8.67 12.81 -12.69
C HIS A 152 -9.54 13.40 -11.58
N ARG A 153 -10.47 12.61 -11.04
CA ARG A 153 -11.39 13.03 -10.01
C ARG A 153 -10.76 12.87 -8.62
N GLN A 154 -9.61 12.16 -8.55
CA GLN A 154 -8.98 11.95 -7.26
C GLN A 154 -8.38 13.24 -6.69
N LYS A 155 -8.20 13.26 -5.38
CA LYS A 155 -7.57 14.40 -4.73
C LYS A 155 -6.23 13.89 -4.10
N PRO A 156 -5.07 14.11 -4.74
CA PRO A 156 -4.83 14.88 -5.99
C PRO A 156 -5.07 14.06 -7.27
N PRO A 157 -5.43 14.73 -8.41
CA PRO A 157 -5.65 14.00 -9.67
C PRO A 157 -4.52 13.02 -10.03
N ILE A 158 -4.88 11.84 -10.50
CA ILE A 158 -3.88 10.88 -10.95
C ILE A 158 -3.89 10.89 -12.50
N ILE A 159 -2.78 11.28 -13.12
CA ILE A 159 -2.57 11.32 -14.59
C ILE A 159 -1.99 9.99 -15.00
N HIS A 160 -2.68 9.25 -15.87
CA HIS A 160 -2.21 7.93 -16.31
C HIS A 160 -0.87 7.99 -17.04
N ARG A 161 -0.74 8.86 -18.08
CA ARG A 161 0.44 9.10 -18.95
C ARG A 161 0.73 7.95 -19.94
N ASP A 162 0.00 6.83 -19.85
CA ASP A 162 0.28 5.71 -20.77
C ASP A 162 -1.03 5.05 -21.23
N LEU A 163 -2.02 5.86 -21.58
CA LEU A 163 -3.26 5.31 -22.09
C LEU A 163 -3.08 4.79 -23.53
N LYS A 164 -3.49 3.55 -23.72
CA LYS A 164 -3.41 2.81 -24.99
C LYS A 164 -4.23 1.55 -24.84
N VAL A 165 -4.71 1.02 -25.98
CA VAL A 165 -5.52 -0.18 -26.05
C VAL A 165 -4.79 -1.39 -25.40
N GLU A 166 -3.47 -1.42 -25.42
CA GLU A 166 -2.64 -2.48 -24.84
C GLU A 166 -2.78 -2.57 -23.31
N ASN A 167 -3.16 -1.46 -22.66
CA ASN A 167 -3.35 -1.38 -21.20
C ASN A 167 -4.78 -1.58 -20.79
N LEU A 168 -5.63 -1.98 -21.76
CA LEU A 168 -7.05 -2.20 -21.53
C LEU A 168 -7.39 -3.70 -21.59
N LEU A 169 -8.06 -4.18 -20.53
CA LEU A 169 -8.53 -5.57 -20.44
C LEU A 169 -10.04 -5.62 -20.60
N LEU A 170 -10.57 -6.82 -20.88
CA LEU A 170 -12.00 -7.04 -20.95
C LEU A 170 -12.41 -7.85 -19.73
N SER A 171 -13.27 -7.30 -18.87
CA SER A 171 -13.70 -7.97 -17.64
C SER A 171 -14.54 -9.21 -17.92
N ASN A 172 -14.88 -9.95 -16.84
CA ASN A 172 -15.74 -11.12 -16.92
C ASN A 172 -17.10 -10.77 -17.58
N GLN A 173 -17.71 -9.63 -17.17
CA GLN A 173 -19.00 -9.13 -17.73
C GLN A 173 -18.89 -8.67 -19.17
N GLY A 174 -17.68 -8.28 -19.59
CA GLY A 174 -17.39 -7.74 -20.92
C GLY A 174 -17.31 -6.23 -20.91
N THR A 175 -16.82 -5.65 -19.80
CA THR A 175 -16.63 -4.23 -19.64
C THR A 175 -15.12 -3.92 -19.65
N ILE A 176 -14.74 -2.72 -20.11
CA ILE A 176 -13.35 -2.30 -20.15
C ILE A 176 -12.84 -2.12 -18.73
N LYS A 177 -11.61 -2.59 -18.51
CA LYS A 177 -10.87 -2.51 -17.26
C LYS A 177 -9.46 -2.02 -17.51
N LEU A 178 -9.07 -0.97 -16.79
CA LEU A 178 -7.71 -0.41 -16.77
C LEU A 178 -6.94 -1.18 -15.75
N CYS A 179 -5.78 -1.76 -16.13
CA CYS A 179 -5.00 -2.62 -15.24
C CYS A 179 -3.66 -2.05 -14.81
N ASP A 180 -2.95 -1.33 -15.71
CA ASP A 180 -1.61 -0.84 -15.40
C ASP A 180 -1.60 0.63 -15.07
N PHE A 181 -0.88 0.96 -14.00
CA PHE A 181 -0.74 2.31 -13.48
C PHE A 181 0.73 2.63 -13.21
N GLY A 182 1.63 1.90 -13.88
CA GLY A 182 3.07 2.04 -13.76
C GLY A 182 3.67 3.40 -14.10
N SER A 183 3.04 4.14 -15.02
CA SER A 183 3.50 5.45 -15.52
C SER A 183 2.70 6.62 -14.91
N ALA A 184 1.66 6.30 -14.12
CA ALA A 184 0.79 7.31 -13.52
C ALA A 184 1.57 8.18 -12.53
N THR A 185 1.13 9.43 -12.40
CA THR A 185 1.76 10.42 -11.52
C THR A 185 0.72 11.46 -11.05
N THR A 186 0.98 12.09 -9.88
CA THR A 186 0.16 13.16 -9.31
C THR A 186 0.88 14.52 -9.53
N ILE A 187 1.99 14.48 -10.30
CA ILE A 187 2.89 15.62 -10.56
C ILE A 187 2.58 16.26 -11.91
N SER A 188 2.22 17.53 -11.84
CA SER A 188 1.97 18.38 -13.00
C SER A 188 3.14 19.33 -13.12
N HIS A 189 3.49 19.71 -14.34
CA HIS A 189 4.56 20.68 -14.60
C HIS A 189 3.97 21.85 -15.31
N TYR A 190 4.49 23.03 -15.00
CA TYR A 190 4.03 24.26 -15.62
C TYR A 190 5.26 25.03 -16.08
N PRO A 191 5.90 24.59 -17.21
CA PRO A 191 7.12 25.26 -17.72
C PRO A 191 6.95 26.77 -17.87
N ASP A 192 8.02 27.51 -17.53
CA ASP A 192 8.07 28.97 -17.51
C ASP A 192 9.29 29.57 -18.19
N TYR A 193 9.39 30.90 -18.07
CA TYR A 193 10.50 31.75 -18.51
C TYR A 193 11.52 31.81 -17.37
N SER A 194 11.45 30.83 -16.42
CA SER A 194 12.27 30.68 -15.23
C SER A 194 12.89 29.28 -15.16
N TRP A 195 12.72 28.50 -16.23
CA TRP A 195 13.22 27.13 -16.31
C TRP A 195 14.56 27.06 -17.04
N SER A 196 15.48 26.27 -16.49
CA SER A 196 16.80 26.06 -17.06
C SER A 196 16.75 24.91 -18.07
N ALA A 197 17.75 24.83 -18.98
CA ALA A 197 17.86 23.73 -19.95
C ALA A 197 17.97 22.37 -19.23
N GLN A 198 18.67 22.38 -18.06
CA GLN A 198 18.91 21.26 -17.14
C GLN A 198 17.56 20.71 -16.64
N ARG A 199 16.70 21.64 -16.17
CA ARG A 199 15.38 21.32 -15.65
C ARG A 199 14.55 20.67 -16.75
N ARG A 200 14.45 21.37 -17.90
CA ARG A 200 13.74 20.98 -19.11
C ARG A 200 14.13 19.54 -19.55
N ALA A 201 15.44 19.25 -19.65
CA ALA A 201 15.92 17.94 -20.06
C ALA A 201 15.64 16.82 -19.02
N LEU A 202 15.84 17.11 -17.71
CA LEU A 202 15.56 16.10 -16.64
C LEU A 202 14.08 15.74 -16.62
N VAL A 203 13.22 16.77 -16.85
CA VAL A 203 11.76 16.64 -16.95
C VAL A 203 11.46 15.77 -18.20
N GLU A 204 12.03 16.15 -19.37
CA GLU A 204 11.87 15.44 -20.63
C GLU A 204 12.33 13.96 -20.53
N GLU A 205 13.40 13.70 -19.72
CA GLU A 205 14.00 12.39 -19.49
C GLU A 205 13.04 11.44 -18.80
N GLU A 206 12.43 11.90 -17.67
CA GLU A 206 11.50 11.06 -16.90
C GLU A 206 10.21 10.82 -17.69
N ILE A 207 9.77 11.79 -18.53
CA ILE A 207 8.50 11.57 -19.24
C ILE A 207 8.68 10.59 -20.43
N THR A 208 9.82 10.65 -21.17
CA THR A 208 10.08 9.71 -22.29
C THR A 208 10.03 8.19 -21.84
N ARG A 209 10.58 7.91 -20.65
CA ARG A 209 10.59 6.57 -20.05
C ARG A 209 9.22 6.03 -19.73
N ASN A 210 8.25 6.92 -19.50
CA ASN A 210 6.93 6.55 -19.00
C ASN A 210 5.82 6.59 -20.04
N THR A 211 6.16 6.89 -21.30
CA THR A 211 5.20 7.03 -22.40
C THR A 211 5.53 6.13 -23.61
N THR A 212 4.48 5.83 -24.42
CA THR A 212 4.58 5.10 -25.71
C THR A 212 4.94 6.17 -26.76
N PRO A 213 6.09 6.04 -27.51
CA PRO A 213 6.52 7.12 -28.44
C PRO A 213 5.44 7.72 -29.35
N MET A 214 4.60 6.90 -29.96
CA MET A 214 3.54 7.37 -30.84
C MET A 214 2.42 8.05 -30.05
N TYR A 215 2.35 7.78 -28.74
CA TYR A 215 1.34 8.40 -27.88
C TYR A 215 1.91 9.62 -27.11
N ARG A 216 3.18 10.02 -27.40
CA ARG A 216 3.81 11.20 -26.79
C ARG A 216 3.09 12.49 -27.21
N THR A 217 2.84 13.38 -26.24
CA THR A 217 2.05 14.62 -26.38
C THR A 217 2.89 15.78 -26.85
N PRO A 218 2.29 16.79 -27.56
CA PRO A 218 3.10 17.96 -27.98
C PRO A 218 3.82 18.66 -26.81
N GLU A 219 3.18 18.83 -25.63
CA GLU A 219 3.76 19.49 -24.45
C GLU A 219 5.04 18.77 -23.89
N ILE A 220 5.26 17.49 -24.24
CA ILE A 220 6.45 16.80 -23.73
C ILE A 220 7.50 16.77 -24.83
N ILE A 221 7.06 16.86 -26.12
CA ILE A 221 8.04 16.89 -27.23
C ILE A 221 8.75 18.25 -27.23
N ASP A 222 7.98 19.36 -27.07
CA ASP A 222 8.47 20.73 -27.02
C ASP A 222 8.39 21.30 -25.61
N LEU A 223 9.51 21.29 -24.90
CA LEU A 223 9.64 21.83 -23.54
C LEU A 223 9.97 23.33 -23.56
N TYR A 224 9.82 24.00 -24.74
CA TYR A 224 10.07 25.44 -24.90
C TYR A 224 8.79 26.21 -25.26
N SER A 225 7.66 25.49 -25.35
CA SER A 225 6.30 26.01 -25.36
C SER A 225 6.01 26.15 -23.90
N ASN A 226 5.23 27.10 -23.47
CA ASN A 226 5.04 27.05 -22.01
C ASN A 226 3.74 26.26 -21.69
N PHE A 227 3.51 25.14 -22.45
CA PHE A 227 2.35 24.27 -22.27
C PHE A 227 2.50 23.56 -20.98
N PRO A 228 1.45 23.58 -20.14
CA PRO A 228 1.51 22.77 -18.92
C PRO A 228 1.56 21.28 -19.26
N ILE A 229 2.19 20.49 -18.38
CA ILE A 229 2.27 19.03 -18.49
C ILE A 229 1.45 18.45 -17.33
N GLY A 230 0.15 18.21 -17.57
CA GLY A 230 -0.82 17.72 -16.58
C GLY A 230 -1.79 16.66 -17.07
N GLU A 231 -3.05 16.70 -16.53
CA GLU A 231 -4.10 15.71 -16.85
C GLU A 231 -4.48 15.70 -18.33
N LYS A 232 -4.28 16.82 -19.04
CA LYS A 232 -4.60 16.97 -20.45
C LYS A 232 -3.80 16.05 -21.34
N GLN A 233 -2.75 15.44 -20.76
CA GLN A 233 -1.94 14.46 -21.47
C GLN A 233 -2.78 13.26 -21.79
N ASP A 234 -3.67 12.89 -20.86
CA ASP A 234 -4.53 11.74 -21.00
C ASP A 234 -5.58 11.95 -22.06
N ILE A 235 -5.99 13.21 -22.29
CA ILE A 235 -7.02 13.59 -23.29
C ILE A 235 -6.48 13.33 -24.72
N TRP A 236 -5.24 13.79 -25.01
CA TRP A 236 -4.54 13.55 -26.26
C TRP A 236 -4.45 12.03 -26.54
N ALA A 237 -4.03 11.22 -25.52
CA ALA A 237 -3.92 9.76 -25.63
C ALA A 237 -5.27 9.14 -25.93
N LEU A 238 -6.36 9.66 -25.31
CA LEU A 238 -7.72 9.20 -25.54
C LEU A 238 -8.21 9.59 -26.94
N GLY A 239 -7.77 10.74 -27.47
CA GLY A 239 -8.08 11.17 -28.83
C GLY A 239 -7.50 10.21 -29.85
N CYS A 240 -6.31 9.72 -29.55
CA CYS A 240 -5.57 8.74 -30.35
C CYS A 240 -6.30 7.41 -30.33
N ILE A 241 -6.76 6.96 -29.14
CA ILE A 241 -7.47 5.69 -28.97
C ILE A 241 -8.74 5.68 -29.81
N LEU A 242 -9.58 6.73 -29.69
CA LEU A 242 -10.84 6.87 -30.42
C LEU A 242 -10.57 6.87 -31.92
N TYR A 243 -9.47 7.48 -32.38
CA TYR A 243 -9.09 7.45 -33.80
C TYR A 243 -8.75 6.02 -34.22
N LEU A 244 -7.97 5.34 -33.39
CA LEU A 244 -7.51 3.97 -33.62
C LEU A 244 -8.68 2.96 -33.66
N LEU A 245 -9.66 3.13 -32.78
CA LEU A 245 -10.82 2.24 -32.73
C LEU A 245 -11.66 2.41 -34.01
N CYS A 246 -11.86 3.68 -34.44
CA CYS A 246 -12.65 4.02 -35.61
C CYS A 246 -11.96 3.61 -36.90
N PHE A 247 -10.74 4.07 -37.11
CA PHE A 247 -10.02 3.77 -38.34
C PHE A 247 -9.04 2.65 -38.07
N ARG A 248 -8.36 2.19 -39.11
CA ARG A 248 -7.45 1.04 -38.97
C ARG A 248 -6.24 1.30 -38.03
N GLN A 249 -5.58 2.44 -38.22
CA GLN A 249 -4.31 2.82 -37.64
C GLN A 249 -4.38 3.93 -36.60
N HIS A 250 -3.25 4.11 -35.91
CA HIS A 250 -3.02 5.16 -34.93
C HIS A 250 -2.84 6.48 -35.70
N PRO A 251 -3.35 7.65 -35.21
CA PRO A 251 -3.25 8.89 -36.01
C PRO A 251 -1.80 9.36 -36.23
N PHE A 252 -0.86 8.92 -35.37
CA PHE A 252 0.56 9.26 -35.47
C PHE A 252 1.39 7.98 -35.24
N GLU A 253 1.11 6.92 -36.01
CA GLU A 253 1.77 5.62 -35.85
C GLU A 253 3.24 5.63 -36.24
N ASP A 254 3.64 6.51 -37.19
CA ASP A 254 5.02 6.64 -37.64
C ASP A 254 5.90 7.21 -36.50
N GLY A 255 5.27 7.71 -35.45
CA GLY A 255 5.91 8.29 -34.26
C GLY A 255 6.72 9.54 -34.52
N ALA A 256 6.43 10.26 -35.63
CA ALA A 256 7.14 11.49 -35.98
C ALA A 256 6.79 12.61 -35.01
N LYS A 257 7.83 13.21 -34.40
CA LYS A 257 7.72 14.33 -33.46
C LYS A 257 7.13 15.54 -34.16
N LEU A 258 7.53 15.79 -35.45
CA LEU A 258 7.04 16.94 -36.23
C LEU A 258 5.55 16.88 -36.49
N ARG A 259 5.00 15.68 -36.74
CA ARG A 259 3.56 15.49 -36.95
C ARG A 259 2.81 15.68 -35.64
N ILE A 260 3.34 15.12 -34.54
CA ILE A 260 2.70 15.21 -33.22
C ILE A 260 2.72 16.65 -32.69
N VAL A 261 3.88 17.32 -32.73
CA VAL A 261 4.05 18.65 -32.16
C VAL A 261 3.23 19.70 -32.93
N ASN A 262 2.96 19.45 -34.23
CA ASN A 262 2.22 20.37 -35.10
C ASN A 262 0.77 19.93 -35.35
N GLY A 263 0.35 18.83 -34.71
CA GLY A 263 -1.00 18.27 -34.84
C GLY A 263 -1.39 17.83 -36.22
N LYS A 264 -0.43 17.38 -37.03
CA LYS A 264 -0.65 16.98 -38.41
C LYS A 264 -1.10 15.51 -38.54
N TYR A 265 -2.42 15.33 -38.55
CA TYR A 265 -3.19 14.09 -38.75
C TYR A 265 -4.40 14.47 -39.56
N SER A 266 -5.14 13.47 -40.07
CA SER A 266 -6.35 13.71 -40.85
C SER A 266 -7.33 12.60 -40.66
N ILE A 267 -8.62 12.96 -40.46
CA ILE A 267 -9.71 11.98 -40.32
C ILE A 267 -10.01 11.50 -41.75
N PRO A 268 -10.02 10.16 -42.02
CA PRO A 268 -10.24 9.68 -43.41
C PRO A 268 -11.33 10.45 -44.17
N PRO A 269 -10.92 11.15 -45.27
CA PRO A 269 -11.85 12.02 -46.00
C PRO A 269 -13.19 11.39 -46.39
N HIS A 270 -13.21 10.10 -46.75
CA HIS A 270 -14.45 9.52 -47.23
C HIS A 270 -15.09 8.52 -46.25
N ASP A 271 -15.00 8.81 -44.93
CA ASP A 271 -15.67 7.98 -43.93
C ASP A 271 -17.11 8.50 -43.69
N THR A 272 -18.10 7.57 -43.66
CA THR A 272 -19.49 7.89 -43.34
C THR A 272 -20.02 6.90 -42.26
N GLN A 273 -19.11 6.35 -41.42
CA GLN A 273 -19.48 5.38 -40.40
C GLN A 273 -19.26 5.95 -38.98
N TYR A 274 -18.15 6.70 -38.81
CA TYR A 274 -17.81 7.21 -37.48
C TYR A 274 -17.85 8.74 -37.43
N THR A 275 -18.66 9.37 -38.31
CA THR A 275 -18.87 10.82 -38.39
C THR A 275 -19.29 11.40 -37.03
N VAL A 276 -20.11 10.64 -36.29
CA VAL A 276 -20.64 10.98 -34.98
C VAL A 276 -19.49 11.31 -33.98
N PHE A 277 -18.29 10.71 -34.18
CA PHE A 277 -17.09 10.85 -33.33
C PHE A 277 -16.07 11.88 -33.83
N HIS A 278 -16.15 12.30 -35.12
CA HIS A 278 -15.23 13.24 -35.78
C HIS A 278 -14.91 14.50 -34.94
N SER A 279 -15.96 15.22 -34.49
CA SER A 279 -15.89 16.44 -33.67
C SER A 279 -15.04 16.22 -32.41
N LEU A 280 -15.27 15.09 -31.71
CA LEU A 280 -14.59 14.70 -30.47
C LEU A 280 -13.10 14.42 -30.72
N ILE A 281 -12.76 13.65 -31.79
CA ILE A 281 -11.37 13.37 -32.19
C ILE A 281 -10.61 14.70 -32.36
N ARG A 282 -11.21 15.66 -33.11
CA ARG A 282 -10.62 16.97 -33.39
C ARG A 282 -10.44 17.80 -32.11
N ALA A 283 -11.42 17.72 -31.19
CA ALA A 283 -11.46 18.46 -29.93
C ALA A 283 -10.49 17.94 -28.90
N MET A 284 -10.17 16.64 -28.97
CA MET A 284 -9.23 15.98 -28.04
C MET A 284 -7.79 16.08 -28.55
N LEU A 285 -7.58 16.02 -29.87
CA LEU A 285 -6.24 16.12 -30.44
C LEU A 285 -5.84 17.59 -30.73
N GLN A 286 -6.05 18.48 -29.74
CA GLN A 286 -5.64 19.88 -29.79
C GLN A 286 -4.20 19.97 -29.36
N VAL A 287 -3.34 20.64 -30.15
CA VAL A 287 -1.91 20.80 -29.88
C VAL A 287 -1.70 21.45 -28.50
N ASN A 288 -2.37 22.61 -28.24
CA ASN A 288 -2.26 23.25 -26.94
C ASN A 288 -3.14 22.46 -25.94
N PRO A 289 -2.60 21.96 -24.80
CA PRO A 289 -3.44 21.19 -23.87
C PRO A 289 -4.57 21.99 -23.25
N GLU A 290 -4.35 23.29 -23.06
CA GLU A 290 -5.39 24.16 -22.47
C GLU A 290 -6.64 24.30 -23.37
N GLU A 291 -6.50 24.00 -24.70
CA GLU A 291 -7.54 24.07 -25.76
C GLU A 291 -8.17 22.70 -26.00
N ARG A 292 -7.77 21.72 -25.22
CA ARG A 292 -8.28 20.36 -25.28
C ARG A 292 -9.40 20.21 -24.28
N LEU A 293 -10.38 19.33 -24.56
CA LEU A 293 -11.51 19.03 -23.68
C LEU A 293 -11.05 18.46 -22.32
N SER A 294 -11.89 18.61 -21.28
CA SER A 294 -11.65 17.96 -19.98
C SER A 294 -12.28 16.55 -20.06
N ILE A 295 -11.91 15.65 -19.15
CA ILE A 295 -12.49 14.30 -19.18
C ILE A 295 -14.01 14.37 -18.96
N ALA A 296 -14.49 15.34 -18.15
CA ALA A 296 -15.94 15.56 -17.89
C ALA A 296 -16.65 15.97 -19.17
N GLU A 297 -16.06 16.85 -19.99
CA GLU A 297 -16.66 17.28 -21.26
C GLU A 297 -16.74 16.08 -22.23
N VAL A 298 -15.66 15.26 -22.29
CA VAL A 298 -15.58 14.07 -23.12
C VAL A 298 -16.69 13.08 -22.70
N VAL A 299 -16.82 12.78 -21.38
CA VAL A 299 -17.84 11.86 -20.85
C VAL A 299 -19.23 12.39 -21.21
N HIS A 300 -19.48 13.69 -20.98
CA HIS A 300 -20.76 14.31 -21.28
C HIS A 300 -21.12 14.15 -22.77
N GLN A 301 -20.17 14.36 -23.69
CA GLN A 301 -20.41 14.26 -25.13
C GLN A 301 -20.67 12.82 -25.53
N LEU A 302 -19.98 11.86 -24.89
CA LEU A 302 -20.20 10.44 -25.18
C LEU A 302 -21.59 10.00 -24.67
N GLN A 303 -22.04 10.57 -23.52
CA GLN A 303 -23.36 10.31 -22.95
C GLN A 303 -24.46 10.75 -23.90
N GLU A 304 -24.29 11.91 -24.56
CA GLU A 304 -25.29 12.43 -25.51
C GLU A 304 -25.39 11.52 -26.72
N ILE A 305 -24.22 11.11 -27.29
CA ILE A 305 -24.16 10.21 -28.46
C ILE A 305 -24.93 8.91 -28.15
N ALA A 306 -24.69 8.35 -26.95
CA ALA A 306 -25.32 7.15 -26.42
C ALA A 306 -26.82 7.31 -26.22
N ALA A 307 -27.26 8.53 -25.84
CA ALA A 307 -28.66 8.86 -25.60
C ALA A 307 -29.41 8.94 -26.92
N ALA A 308 -28.81 9.62 -27.93
CA ALA A 308 -29.45 9.80 -29.25
C ALA A 308 -29.50 8.46 -30.03
N ARG A 309 -28.85 7.41 -29.47
CA ARG A 309 -28.79 6.09 -30.10
CA ARG A 309 -28.69 6.05 -29.98
C ARG A 309 -29.56 5.03 -29.24
N ASN A 310 -29.86 5.32 -27.95
CA ASN A 310 -30.59 4.47 -27.00
C ASN A 310 -29.73 3.25 -26.63
N VAL A 311 -28.44 3.51 -26.46
CA VAL A 311 -27.44 2.55 -26.05
C VAL A 311 -27.04 2.93 -24.63
N ASN A 312 -26.97 1.93 -23.72
CA ASN A 312 -26.43 2.12 -22.37
C ASN A 312 -24.91 1.91 -22.55
N PRO A 313 -24.06 2.97 -22.49
CA PRO A 313 -22.63 2.77 -22.81
C PRO A 313 -21.85 2.02 -21.74
N LYS A 314 -22.46 1.75 -20.58
CA LYS A 314 -21.89 0.97 -19.46
C LYS A 314 -22.10 -0.52 -19.71
N SER A 315 -22.87 -0.84 -20.75
CA SER A 315 -23.23 -2.21 -21.13
C SER A 315 -22.06 -3.08 -21.55
N PRO A 316 -22.17 -4.41 -21.34
CA PRO A 316 -21.15 -5.32 -21.86
C PRO A 316 -20.96 -5.17 -23.37
N ILE A 317 -19.73 -5.26 -23.82
CA ILE A 317 -19.41 -5.16 -25.24
C ILE A 317 -19.46 -6.61 -25.75
N THR A 318 -20.67 -7.20 -25.74
CA THR A 318 -20.95 -8.60 -26.11
C THR A 318 -20.54 -8.94 -27.56
N GLU A 319 -20.30 -7.92 -28.38
CA GLU A 319 -19.86 -8.04 -29.77
C GLU A 319 -18.43 -8.62 -29.81
N LEU A 320 -17.61 -8.28 -28.78
CA LEU A 320 -16.24 -8.76 -28.59
C LEU A 320 -16.28 -10.16 -27.98
N LEU A 321 -16.81 -10.27 -26.73
CA LEU A 321 -16.93 -11.49 -25.89
C LEU A 321 -17.24 -12.77 -26.68
N GLU A 322 -18.40 -12.80 -27.32
CA GLU A 322 -18.87 -13.94 -28.10
C GLU A 322 -18.20 -13.94 -29.48
N GLN A 323 -17.27 -14.89 -29.72
CA GLN A 323 -16.53 -15.04 -30.97
C GLN A 323 -16.28 -16.52 -31.27
N ASP B 16 -8.02 -7.14 25.50
CA ASP B 16 -8.10 -8.59 25.34
C ASP B 16 -7.20 -9.10 24.19
N PHE B 17 -6.76 -8.21 23.27
CA PHE B 17 -5.87 -8.55 22.13
C PHE B 17 -4.43 -8.92 22.59
N VAL B 18 -4.14 -8.76 23.88
CA VAL B 18 -2.87 -9.13 24.51
C VAL B 18 -2.92 -10.65 24.71
N GLY B 19 -1.87 -11.34 24.30
CA GLY B 19 -1.78 -12.80 24.37
C GLY B 19 -2.04 -13.48 23.04
N GLN B 20 -2.38 -12.68 22.03
CA GLN B 20 -2.66 -13.12 20.67
C GLN B 20 -1.38 -13.40 19.90
N THR B 21 -1.47 -14.25 18.86
CA THR B 21 -0.33 -14.56 18.01
C THR B 21 -0.72 -14.18 16.59
N VAL B 22 -0.37 -12.94 16.22
CA VAL B 22 -0.67 -12.32 14.93
C VAL B 22 0.33 -12.76 13.87
N GLU B 23 -0.18 -13.12 12.68
CA GLU B 23 0.65 -13.52 11.55
C GLU B 23 0.69 -12.39 10.54
N LEU B 24 1.90 -11.95 10.15
CA LEU B 24 2.17 -10.90 9.14
C LEU B 24 3.30 -11.41 8.22
N GLY B 25 2.92 -12.16 7.21
CA GLY B 25 3.86 -12.79 6.28
C GLY B 25 4.44 -14.04 6.90
N GLU B 26 5.77 -14.08 7.05
CA GLU B 26 6.46 -15.22 7.67
C GLU B 26 6.57 -15.02 9.18
N LEU B 27 6.27 -13.80 9.63
CA LEU B 27 6.33 -13.39 11.03
C LEU B 27 5.14 -13.91 11.84
N ARG B 28 5.42 -14.47 13.03
CA ARG B 28 4.44 -14.97 14.00
C ARG B 28 4.67 -14.15 15.26
N LEU B 29 3.88 -13.09 15.44
CA LEU B 29 4.03 -12.11 16.51
C LEU B 29 3.13 -12.34 17.70
N ARG B 30 3.73 -12.49 18.88
CA ARG B 30 3.01 -12.60 20.13
C ARG B 30 2.76 -11.19 20.64
N VAL B 31 1.49 -10.77 20.72
CA VAL B 31 1.12 -9.45 21.23
C VAL B 31 1.36 -9.50 22.73
N ARG B 32 2.35 -8.72 23.19
CA ARG B 32 2.82 -8.76 24.58
C ARG B 32 2.09 -7.84 25.53
N ARG B 33 1.98 -6.54 25.18
CA ARG B 33 1.49 -5.50 26.09
C ARG B 33 1.07 -4.24 25.35
N VAL B 34 0.04 -3.54 25.86
CA VAL B 34 -0.46 -2.28 25.30
C VAL B 34 0.52 -1.15 25.64
N LEU B 35 0.85 -0.32 24.65
CA LEU B 35 1.76 0.81 24.80
C LEU B 35 1.01 2.15 24.73
N ALA B 36 0.00 2.22 23.82
CA ALA B 36 -0.82 3.42 23.61
C ALA B 36 -2.25 3.10 23.12
N GLU B 37 -3.20 4.01 23.41
CA GLU B 37 -4.62 4.00 23.02
C GLU B 37 -5.00 5.42 22.57
N GLY B 38 -5.23 5.60 21.26
CA GLY B 38 -5.53 6.90 20.67
C GLY B 38 -6.69 6.96 19.71
N GLY B 39 -7.88 6.72 20.23
CA GLY B 39 -9.13 6.75 19.48
C GLY B 39 -9.56 5.36 19.03
N PHE B 40 -9.58 5.16 17.69
CA PHE B 40 -9.96 3.89 17.04
C PHE B 40 -8.72 2.97 16.85
N ALA B 41 -7.53 3.47 17.29
CA ALA B 41 -6.27 2.73 17.19
C ALA B 41 -5.65 2.43 18.56
N PHE B 42 -4.91 1.29 18.62
CA PHE B 42 -4.15 0.80 19.79
C PHE B 42 -2.72 0.46 19.37
N VAL B 43 -1.72 0.69 20.24
CA VAL B 43 -0.31 0.36 19.93
C VAL B 43 0.20 -0.69 20.93
N TYR B 44 0.65 -1.85 20.41
CA TYR B 44 1.14 -2.95 21.26
C TYR B 44 2.60 -3.31 20.99
N GLU B 45 3.24 -3.88 22.02
CA GLU B 45 4.60 -4.39 21.91
C GLU B 45 4.44 -5.83 21.43
N ALA B 46 4.83 -6.11 20.19
CA ALA B 46 4.75 -7.44 19.59
C ALA B 46 6.15 -8.05 19.50
N GLN B 47 6.30 -9.40 19.65
CA GLN B 47 7.60 -10.09 19.60
C GLN B 47 7.54 -11.34 18.71
N ASP B 48 8.48 -11.49 17.75
CA ASP B 48 8.48 -12.67 16.90
C ASP B 48 8.87 -13.92 17.71
N VAL B 49 8.06 -14.98 17.58
CA VAL B 49 8.25 -16.22 18.32
C VAL B 49 9.43 -17.04 17.75
N GLY B 50 9.77 -16.81 16.48
CA GLY B 50 10.85 -17.55 15.82
C GLY B 50 12.21 -16.88 15.83
N SER B 51 12.26 -15.53 16.01
CA SER B 51 13.51 -14.75 15.99
C SER B 51 13.83 -14.06 17.33
N GLY B 52 12.77 -13.64 18.02
CA GLY B 52 12.88 -12.93 19.29
C GLY B 52 12.94 -11.43 19.09
N ARG B 53 12.78 -10.97 17.83
CA ARG B 53 12.85 -9.56 17.49
C ARG B 53 11.55 -8.92 17.91
N GLU B 54 11.66 -7.78 18.55
CA GLU B 54 10.53 -7.02 19.07
C GLU B 54 10.14 -5.91 18.11
N TYR B 55 8.83 -5.67 17.96
CA TYR B 55 8.25 -4.67 17.08
C TYR B 55 7.16 -3.88 17.77
N ALA B 56 6.61 -2.87 17.07
CA ALA B 56 5.42 -2.13 17.48
C ALA B 56 4.29 -2.54 16.56
N LEU B 57 3.14 -2.90 17.13
CA LEU B 57 1.95 -3.26 16.36
C LEU B 57 0.88 -2.22 16.63
N LYS B 58 0.45 -1.50 15.58
CA LYS B 58 -0.65 -0.52 15.63
C LYS B 58 -1.89 -1.20 15.07
N ARG B 59 -2.96 -1.29 15.88
CA ARG B 59 -4.23 -1.92 15.51
C ARG B 59 -5.29 -0.87 15.34
N LEU B 60 -6.09 -0.97 14.26
CA LEU B 60 -7.18 -0.06 13.95
C LEU B 60 -8.43 -0.85 13.53
N LEU B 61 -9.52 -0.69 14.28
CA LEU B 61 -10.81 -1.34 14.00
C LEU B 61 -11.81 -0.28 13.55
N SER B 62 -12.35 -0.45 12.33
CA SER B 62 -13.32 0.45 11.68
C SER B 62 -13.94 -0.24 10.48
N ASN B 63 -15.20 0.12 10.19
CA ASN B 63 -15.93 -0.39 9.02
C ASN B 63 -16.25 0.78 8.09
N GLU B 64 -15.80 1.99 8.46
CA GLU B 64 -15.98 3.25 7.75
C GLU B 64 -15.00 3.34 6.58
N GLU B 65 -15.55 3.50 5.36
CA GLU B 65 -14.80 3.59 4.12
C GLU B 65 -13.88 4.80 4.09
N GLU B 66 -14.27 5.92 4.69
CA GLU B 66 -13.44 7.13 4.73
C GLU B 66 -12.17 6.87 5.54
N LYS B 67 -12.28 6.05 6.62
CA LYS B 67 -11.15 5.69 7.47
C LYS B 67 -10.21 4.75 6.73
N ASN B 68 -10.80 3.73 6.04
CA ASN B 68 -10.05 2.75 5.26
C ASN B 68 -9.18 3.49 4.22
N ARG B 69 -9.77 4.48 3.51
CA ARG B 69 -9.07 5.31 2.54
C ARG B 69 -7.96 6.16 3.19
N ALA B 70 -8.19 6.68 4.42
CA ALA B 70 -7.18 7.50 5.10
C ALA B 70 -6.05 6.64 5.62
N ILE B 71 -6.34 5.39 6.01
CA ILE B 71 -5.32 4.46 6.48
C ILE B 71 -4.41 4.14 5.30
N ILE B 72 -4.97 3.84 4.09
CA ILE B 72 -4.24 3.59 2.82
C ILE B 72 -3.22 4.72 2.58
N GLN B 73 -3.65 6.00 2.58
CA GLN B 73 -2.80 7.17 2.36
C GLN B 73 -1.62 7.20 3.35
N GLU B 74 -1.93 7.13 4.67
CA GLU B 74 -0.93 7.17 5.75
C GLU B 74 0.08 6.08 5.58
N VAL B 75 -0.38 4.84 5.36
CA VAL B 75 0.49 3.68 5.19
C VAL B 75 1.36 3.87 3.93
N CYS B 76 0.78 4.44 2.86
CA CYS B 76 1.53 4.69 1.63
C CYS B 76 2.61 5.72 1.86
N PHE B 77 2.36 6.77 2.68
CA PHE B 77 3.39 7.74 2.99
C PHE B 77 4.51 7.07 3.81
N MET B 78 4.15 6.25 4.84
CA MET B 78 5.11 5.53 5.68
C MET B 78 6.01 4.61 4.87
N LYS B 79 5.43 3.84 3.91
CA LYS B 79 6.19 2.93 3.03
C LYS B 79 7.25 3.74 2.25
N LYS B 80 6.86 4.90 1.73
CA LYS B 80 7.71 5.80 0.98
C LYS B 80 8.80 6.46 1.85
N LEU B 81 8.45 6.89 3.06
CA LEU B 81 9.38 7.61 3.94
C LEU B 81 10.29 6.70 4.77
N SER B 82 10.01 5.39 4.78
CA SER B 82 10.78 4.44 5.56
C SER B 82 12.23 4.38 5.09
N GLY B 83 13.14 4.16 6.06
CA GLY B 83 14.57 4.05 5.81
C GLY B 83 15.35 5.30 6.14
N HIS B 84 14.72 6.23 6.82
CA HIS B 84 15.39 7.44 7.21
C HIS B 84 15.59 7.35 8.71
N PRO B 85 16.72 7.78 9.21
CA PRO B 85 16.97 7.72 10.66
C PRO B 85 15.92 8.38 11.58
N ASN B 86 15.08 9.31 11.09
CA ASN B 86 14.18 10.01 11.99
C ASN B 86 12.72 9.77 11.66
N ILE B 87 12.46 8.81 10.75
CA ILE B 87 11.16 8.28 10.37
C ILE B 87 11.11 6.89 10.98
N VAL B 88 10.05 6.55 11.73
CA VAL B 88 9.90 5.21 12.33
C VAL B 88 9.90 4.15 11.17
N GLN B 89 10.72 3.09 11.27
CA GLN B 89 10.89 2.08 10.21
C GLN B 89 9.69 1.15 10.03
N PHE B 90 9.15 1.09 8.80
CA PHE B 90 8.02 0.26 8.39
C PHE B 90 8.48 -1.16 8.19
N CYS B 91 7.72 -2.15 8.71
CA CYS B 91 8.09 -3.55 8.57
C CYS B 91 7.06 -4.31 7.69
N SER B 92 5.78 -4.20 8.03
CA SER B 92 4.68 -4.81 7.28
C SER B 92 3.38 -4.24 7.78
N ALA B 93 2.31 -4.48 7.00
CA ALA B 93 0.94 -4.07 7.32
C ALA B 93 -0.06 -5.04 6.72
N ALA B 94 -1.27 -5.09 7.31
CA ALA B 94 -2.36 -5.94 6.83
C ALA B 94 -3.70 -5.27 6.99
N SER B 95 -4.60 -5.59 6.05
CA SER B 95 -5.98 -5.15 6.00
C SER B 95 -6.89 -6.40 5.92
N ILE B 96 -7.36 -6.90 7.10
CA ILE B 96 -8.27 -8.05 7.20
C ILE B 96 -9.73 -7.57 7.10
N GLY B 97 -10.46 -8.10 6.11
CA GLY B 97 -11.84 -7.73 5.78
C GLY B 97 -12.87 -7.72 6.89
N LYS B 98 -14.04 -7.10 6.61
CA LYS B 98 -15.20 -6.97 7.48
C LYS B 98 -15.73 -8.34 7.95
N GLU B 99 -15.76 -9.31 7.04
CA GLU B 99 -16.23 -10.68 7.27
C GLU B 99 -15.13 -11.55 7.88
N GLU B 100 -13.87 -11.32 7.43
CA GLU B 100 -12.65 -12.05 7.79
C GLU B 100 -12.11 -11.74 9.22
N SER B 101 -12.74 -10.80 9.96
CA SER B 101 -12.34 -10.40 11.32
C SER B 101 -13.38 -10.85 12.36
N ASP B 102 -12.93 -11.08 13.63
CA ASP B 102 -13.76 -11.52 14.76
C ASP B 102 -14.79 -10.45 15.17
N THR B 103 -14.32 -9.17 15.28
CA THR B 103 -15.10 -7.98 15.66
C THR B 103 -16.19 -7.61 14.64
N GLY B 104 -16.06 -8.09 13.41
CA GLY B 104 -16.99 -7.81 12.34
C GLY B 104 -16.66 -6.52 11.59
N GLN B 105 -15.59 -5.84 12.05
CA GLN B 105 -15.07 -4.60 11.48
C GLN B 105 -13.87 -4.91 10.63
N ALA B 106 -13.52 -4.01 9.68
CA ALA B 106 -12.32 -4.18 8.89
C ALA B 106 -11.13 -3.92 9.82
N GLU B 107 -10.18 -4.88 9.88
CA GLU B 107 -9.03 -4.78 10.79
C GLU B 107 -7.79 -4.30 10.05
N PHE B 108 -7.16 -3.23 10.57
CA PHE B 108 -5.95 -2.62 10.02
C PHE B 108 -4.79 -2.82 11.01
N LEU B 109 -3.75 -3.54 10.57
CA LEU B 109 -2.60 -3.82 11.39
C LEU B 109 -1.35 -3.18 10.77
N LEU B 110 -0.58 -2.41 11.58
CA LEU B 110 0.67 -1.77 11.19
C LEU B 110 1.82 -2.28 12.07
N LEU B 111 2.86 -2.85 11.44
CA LEU B 111 4.04 -3.33 12.16
C LEU B 111 5.26 -2.47 11.80
N THR B 112 5.83 -1.85 12.84
CA THR B 112 6.99 -0.96 12.72
C THR B 112 8.09 -1.34 13.73
N GLU B 113 9.20 -0.57 13.73
CA GLU B 113 10.26 -0.76 14.72
C GLU B 113 9.71 -0.33 16.07
N LEU B 114 10.21 -0.94 17.15
CA LEU B 114 9.79 -0.62 18.51
C LEU B 114 10.65 0.51 19.06
N CYS B 115 9.99 1.60 19.46
CA CYS B 115 10.62 2.77 20.04
C CYS B 115 10.54 2.69 21.56
N LYS B 116 11.47 3.39 22.27
CA LYS B 116 11.53 3.34 23.75
C LYS B 116 10.27 3.92 24.39
N GLY B 117 9.77 5.01 23.81
CA GLY B 117 8.56 5.71 24.25
C GLY B 117 8.33 7.03 23.53
N GLN B 118 7.36 7.80 24.00
CA GLN B 118 7.01 9.11 23.46
C GLN B 118 7.94 10.19 23.99
N LEU B 119 8.34 11.15 23.14
CA LEU B 119 9.23 12.25 23.53
C LEU B 119 8.64 13.06 24.69
N VAL B 120 7.34 13.32 24.64
CA VAL B 120 6.57 14.06 25.65
C VAL B 120 6.74 13.45 27.06
N GLU B 121 6.74 12.11 27.15
CA GLU B 121 6.91 11.41 28.42
C GLU B 121 8.35 11.48 28.91
N PHE B 122 9.32 11.64 27.98
CA PHE B 122 10.74 11.78 28.32
C PHE B 122 11.01 13.21 28.82
N LEU B 123 10.46 14.24 28.14
CA LEU B 123 10.64 15.64 28.54
C LEU B 123 9.97 15.92 29.90
N LYS B 124 8.79 15.30 30.17
CA LYS B 124 8.05 15.43 31.43
C LYS B 124 8.90 14.97 32.63
N LYS B 125 9.82 14.01 32.41
CA LYS B 125 10.72 13.51 33.46
C LYS B 125 11.95 14.43 33.65
N MET B 126 12.26 15.27 32.63
CA MET B 126 13.43 16.16 32.61
C MET B 126 13.17 17.55 33.21
N GLU B 127 11.89 17.99 33.29
CA GLU B 127 11.50 19.30 33.83
C GLU B 127 11.88 19.44 35.33
N SER B 128 11.85 18.29 36.05
CA SER B 128 12.23 18.19 37.47
C SER B 128 13.72 18.53 37.63
N ARG B 129 14.54 18.09 36.65
CA ARG B 129 15.99 18.31 36.57
C ARG B 129 16.32 19.74 36.09
N GLY B 130 15.32 20.48 35.60
CA GLY B 130 15.49 21.86 35.13
C GLY B 130 15.42 22.03 33.62
N PRO B 131 15.76 23.24 33.09
CA PRO B 131 15.71 23.45 31.63
C PRO B 131 16.73 22.58 30.88
N LEU B 132 16.35 22.12 29.68
CA LEU B 132 17.21 21.28 28.84
C LEU B 132 18.44 22.01 28.40
N SER B 133 19.54 21.29 28.25
CA SER B 133 20.75 21.88 27.71
C SER B 133 20.52 22.21 26.24
N CYS B 134 21.26 23.20 25.75
CA CYS B 134 21.23 23.64 24.36
C CYS B 134 21.51 22.47 23.42
N ASP B 135 22.54 21.66 23.75
CA ASP B 135 22.99 20.49 23.00
C ASP B 135 21.88 19.47 22.85
N THR B 136 21.07 19.28 23.92
CA THR B 136 19.92 18.38 23.95
C THR B 136 18.86 18.90 22.97
N VAL B 137 18.59 20.22 23.04
CA VAL B 137 17.59 20.91 22.22
C VAL B 137 18.01 20.80 20.74
N LEU B 138 19.28 21.06 20.46
CA LEU B 138 19.85 21.00 19.12
C LEU B 138 19.66 19.61 18.51
N LYS B 139 19.94 18.53 19.28
CA LYS B 139 19.77 17.17 18.79
C LYS B 139 18.30 16.86 18.57
N ILE B 140 17.41 17.17 19.58
CA ILE B 140 15.97 16.91 19.44
C ILE B 140 15.47 17.60 18.17
N PHE B 141 15.74 18.93 18.04
CA PHE B 141 15.27 19.74 16.92
C PHE B 141 15.87 19.28 15.58
N TYR B 142 17.20 19.18 15.49
CA TYR B 142 17.87 18.79 14.26
C TYR B 142 17.33 17.47 13.70
N GLN B 143 17.12 16.47 14.57
CA GLN B 143 16.65 15.13 14.16
C GLN B 143 15.22 15.23 13.69
N THR B 144 14.41 16.13 14.31
CA THR B 144 13.04 16.38 13.88
C THR B 144 13.04 17.01 12.46
N CYS B 145 13.86 18.06 12.23
CA CYS B 145 13.93 18.75 10.95
C CYS B 145 14.43 17.86 9.86
N ARG B 146 15.26 16.90 10.24
CA ARG B 146 15.88 15.94 9.37
C ARG B 146 14.80 14.99 8.83
N ALA B 147 13.77 14.66 9.65
CA ALA B 147 12.60 13.84 9.23
C ALA B 147 11.73 14.63 8.26
N VAL B 148 11.44 15.89 8.60
CA VAL B 148 10.66 16.83 7.79
C VAL B 148 11.35 17.06 6.47
N GLN B 149 12.69 17.22 6.46
CA GLN B 149 13.47 17.41 5.24
C GLN B 149 13.30 16.22 4.28
N HIS B 150 13.31 14.99 4.81
CA HIS B 150 13.12 13.78 4.04
C HIS B 150 11.75 13.76 3.38
N MET B 151 10.72 14.32 4.07
CA MET B 151 9.34 14.46 3.59
C MET B 151 9.27 15.48 2.44
N HIS B 152 9.78 16.72 2.66
CA HIS B 152 9.77 17.79 1.66
C HIS B 152 10.65 17.48 0.45
N ARG B 153 11.53 16.49 0.58
CA ARG B 153 12.45 16.05 -0.46
C ARG B 153 11.80 15.03 -1.38
N GLN B 154 10.61 14.53 -0.98
CA GLN B 154 9.95 13.54 -1.82
C GLN B 154 9.41 14.16 -3.12
N LYS B 155 9.20 13.33 -4.11
CA LYS B 155 8.61 13.78 -5.36
C LYS B 155 7.25 13.04 -5.50
N PRO B 156 6.10 13.68 -5.20
CA PRO B 156 5.89 15.08 -4.77
C PRO B 156 6.13 15.31 -3.27
N PRO B 157 6.54 16.55 -2.86
CA PRO B 157 6.74 16.83 -1.42
C PRO B 157 5.59 16.39 -0.53
N ILE B 158 5.90 15.78 0.60
CA ILE B 158 4.87 15.41 1.58
C ILE B 158 4.91 16.44 2.72
N ILE B 159 3.84 17.19 2.93
CA ILE B 159 3.68 18.18 4.00
C ILE B 159 3.04 17.50 5.19
N HIS B 160 3.70 17.48 6.35
CA HIS B 160 3.20 16.82 7.54
C HIS B 160 1.88 17.40 8.02
N ARG B 161 1.80 18.74 8.22
CA ARG B 161 0.65 19.55 8.70
C ARG B 161 0.30 19.36 10.21
N ASP B 162 0.90 18.39 10.91
CA ASP B 162 0.63 18.22 12.34
C ASP B 162 1.92 17.94 13.13
N LEU B 163 2.95 18.75 12.90
CA LEU B 163 4.19 18.61 13.65
C LEU B 163 4.03 19.18 15.08
N LYS B 164 4.38 18.35 16.05
CA LYS B 164 4.34 18.66 17.49
C LYS B 164 5.10 17.58 18.22
N VAL B 165 5.58 17.91 19.42
CA VAL B 165 6.36 17.00 20.28
C VAL B 165 5.57 15.70 20.59
N GLU B 166 4.23 15.77 20.59
CA GLU B 166 3.34 14.63 20.86
C GLU B 166 3.47 13.53 19.79
N ASN B 167 3.86 13.91 18.55
CA ASN B 167 4.02 13.00 17.43
C ASN B 167 5.46 12.52 17.26
N LEU B 168 6.30 12.82 18.27
CA LEU B 168 7.71 12.45 18.24
C LEU B 168 8.01 11.35 19.27
N LEU B 169 8.65 10.26 18.81
CA LEU B 169 9.06 9.13 19.64
C LEU B 169 10.56 9.12 19.81
N LEU B 170 11.05 8.39 20.82
CA LEU B 170 12.48 8.22 21.03
C LEU B 170 12.83 6.79 20.66
N SER B 171 13.70 6.59 19.66
CA SER B 171 14.09 5.27 19.18
C SER B 171 14.89 4.48 20.22
N ASN B 172 15.18 3.22 19.91
CA ASN B 172 16.01 2.35 20.75
C ASN B 172 17.39 3.00 21.03
N GLN B 173 18.03 3.56 19.98
CA GLN B 173 19.34 4.25 20.05
C GLN B 173 19.27 5.56 20.83
N GLY B 174 18.09 6.17 20.89
CA GLY B 174 17.85 7.47 21.51
C GLY B 174 17.80 8.60 20.51
N THR B 175 17.31 8.31 19.30
CA THR B 175 17.16 9.28 18.23
C THR B 175 15.68 9.57 18.02
N ILE B 176 15.36 10.81 17.58
CA ILE B 176 13.97 11.21 17.32
C ILE B 176 13.43 10.43 16.13
N LYS B 177 12.20 9.92 16.26
CA LYS B 177 11.50 9.22 15.20
C LYS B 177 10.08 9.78 15.06
N LEU B 178 9.67 10.19 13.82
CA LEU B 178 8.34 10.68 13.41
C LEU B 178 7.48 9.49 13.11
N CYS B 179 6.39 9.28 13.87
CA CYS B 179 5.56 8.07 13.74
C CYS B 179 4.24 8.28 13.04
N ASP B 180 3.56 9.43 13.26
CA ASP B 180 2.23 9.64 12.70
C ASP B 180 2.26 10.52 11.47
N PHE B 181 1.53 10.08 10.44
CA PHE B 181 1.42 10.77 9.15
C PHE B 181 -0.04 10.89 8.75
N GLY B 182 -0.94 10.82 9.74
CA GLY B 182 -2.39 10.88 9.55
C GLY B 182 -2.94 12.15 8.93
N SER B 183 -2.23 13.30 9.08
CA SER B 183 -2.57 14.64 8.58
C SER B 183 -1.77 15.08 7.32
N ALA B 184 -0.68 14.36 6.95
CA ALA B 184 0.18 14.65 5.80
C ALA B 184 -0.56 14.68 4.47
N THR B 185 -0.13 15.54 3.56
CA THR B 185 -0.75 15.70 2.24
C THR B 185 0.31 16.12 1.21
N THR B 186 0.05 15.83 -0.08
CA THR B 186 0.89 16.23 -1.22
C THR B 186 0.18 17.39 -1.96
N ILE B 187 -0.89 17.94 -1.34
CA ILE B 187 -1.76 19.00 -1.90
C ILE B 187 -1.40 20.34 -1.31
N SER B 188 -0.97 21.23 -2.22
CA SER B 188 -0.65 22.62 -1.91
C SER B 188 -1.75 23.47 -2.46
N HIS B 189 -2.03 24.60 -1.81
CA HIS B 189 -3.07 25.54 -2.24
C HIS B 189 -2.48 26.89 -2.48
N TYR B 190 -2.86 27.52 -3.60
CA TYR B 190 -2.34 28.83 -3.94
C TYR B 190 -3.52 29.78 -4.14
N PRO B 191 -4.13 30.25 -3.00
CA PRO B 191 -5.29 31.16 -3.09
C PRO B 191 -5.02 32.39 -3.97
N ASP B 192 -6.06 32.80 -4.70
CA ASP B 192 -6.00 33.89 -5.67
C ASP B 192 -7.15 34.87 -5.56
N TYR B 193 -7.18 35.81 -6.52
CA TYR B 193 -8.22 36.82 -6.72
C TYR B 193 -9.31 36.20 -7.64
N SER B 194 -9.29 34.85 -7.75
CA SER B 194 -10.17 34.01 -8.58
C SER B 194 -10.89 32.95 -7.72
N TRP B 195 -10.73 33.03 -6.39
CA TRP B 195 -11.30 32.07 -5.44
C TRP B 195 -12.61 32.59 -4.87
N SER B 196 -13.61 31.71 -4.80
CA SER B 196 -14.92 32.01 -4.24
C SER B 196 -14.91 31.80 -2.72
N ALA B 197 -15.89 32.38 -1.98
CA ALA B 197 -16.01 32.20 -0.53
C ALA B 197 -16.21 30.69 -0.18
N GLN B 198 -16.98 29.97 -1.05
CA GLN B 198 -17.27 28.54 -1.00
C GLN B 198 -15.97 27.71 -1.10
N ARG B 199 -15.09 28.09 -2.04
CA ARG B 199 -13.81 27.42 -2.21
C ARG B 199 -12.96 27.60 -0.94
N ARG B 200 -12.80 28.87 -0.53
CA ARG B 200 -12.04 29.31 0.64
C ARG B 200 -12.48 28.54 1.91
N ALA B 201 -13.80 28.47 2.17
CA ALA B 201 -14.34 27.76 3.33
C ALA B 201 -14.13 26.24 3.26
N LEU B 202 -14.33 25.60 2.09
CA LEU B 202 -14.12 24.15 1.94
C LEU B 202 -12.64 23.79 2.17
N VAL B 203 -11.73 24.67 1.69
CA VAL B 203 -10.27 24.55 1.87
C VAL B 203 -9.95 24.73 3.38
N GLU B 204 -10.53 25.78 4.02
CA GLU B 204 -10.37 26.06 5.45
C GLU B 204 -10.91 24.90 6.31
N GLU B 205 -12.02 24.24 5.87
CA GLU B 205 -12.68 23.11 6.54
C GLU B 205 -11.78 21.90 6.66
N GLU B 206 -11.12 21.48 5.55
CA GLU B 206 -10.25 20.31 5.53
C GLU B 206 -9.00 20.54 6.36
N ILE B 207 -8.38 21.75 6.30
CA ILE B 207 -7.13 22.00 7.03
C ILE B 207 -7.40 22.16 8.54
N THR B 208 -8.61 22.58 8.95
CA THR B 208 -8.92 22.77 10.39
C THR B 208 -8.94 21.39 11.14
N ARG B 209 -9.50 20.36 10.47
CA ARG B 209 -9.61 18.96 10.90
C ARG B 209 -8.27 18.25 11.08
N ASN B 210 -7.23 18.70 10.34
CA ASN B 210 -5.97 17.99 10.29
C ASN B 210 -4.83 18.66 11.06
N THR B 211 -5.13 19.74 11.80
CA THR B 211 -4.16 20.51 12.56
C THR B 211 -4.50 20.64 14.06
N THR B 212 -3.46 20.89 14.90
CA THR B 212 -3.56 21.18 16.34
C THR B 212 -3.85 22.69 16.42
N PRO B 213 -4.99 23.13 17.05
CA PRO B 213 -5.36 24.57 17.05
C PRO B 213 -4.24 25.58 17.35
N MET B 214 -3.43 25.31 18.39
CA MET B 214 -2.34 26.21 18.76
C MET B 214 -1.20 26.16 17.73
N TYR B 215 -1.17 25.09 16.92
CA TYR B 215 -0.14 24.95 15.89
C TYR B 215 -0.67 25.39 14.50
N ARG B 216 -1.92 25.92 14.42
CA ARG B 216 -2.50 26.42 13.17
C ARG B 216 -1.73 27.64 12.64
N THR B 217 -1.44 27.64 11.33
CA THR B 217 -0.61 28.63 10.64
C THR B 217 -1.39 29.87 10.21
N PRO B 218 -0.74 31.06 10.08
CA PRO B 218 -1.48 32.25 9.62
C PRO B 218 -2.20 32.05 8.28
N GLU B 219 -1.55 31.36 7.29
CA GLU B 219 -2.12 31.11 5.95
C GLU B 219 -3.42 30.28 5.97
N ILE B 220 -3.71 29.56 7.08
CA ILE B 220 -4.94 28.76 7.14
C ILE B 220 -6.01 29.49 7.99
N ILE B 221 -5.56 30.39 8.91
CA ILE B 221 -6.49 31.18 9.71
C ILE B 221 -7.13 32.25 8.81
N ASP B 222 -6.30 32.90 7.99
CA ASP B 222 -6.75 33.98 7.10
C ASP B 222 -6.63 33.52 5.62
N LEU B 223 -7.73 32.96 5.09
CA LEU B 223 -7.84 32.47 3.71
C LEU B 223 -8.22 33.61 2.72
N TYR B 224 -8.14 34.88 3.18
CA TYR B 224 -8.41 36.01 2.32
C TYR B 224 -7.10 36.78 2.01
N SER B 225 -5.98 36.30 2.58
CA SER B 225 -4.62 36.70 2.28
C SER B 225 -4.20 35.74 1.19
N ASN B 226 -3.61 36.22 0.09
CA ASN B 226 -3.32 35.25 -0.97
C ASN B 226 -2.01 34.49 -0.69
N PHE B 227 -1.80 34.11 0.60
CA PHE B 227 -0.66 33.30 1.05
C PHE B 227 -0.81 31.85 0.53
N PRO B 228 0.28 31.24 -0.02
CA PRO B 228 0.17 29.82 -0.41
C PRO B 228 0.07 28.94 0.83
N ILE B 229 -0.62 27.80 0.70
CA ILE B 229 -0.76 26.80 1.76
C ILE B 229 0.00 25.54 1.28
N GLY B 230 1.29 25.46 1.64
CA GLY B 230 2.18 24.37 1.24
C GLY B 230 3.15 23.88 2.32
N GLU B 231 4.39 23.49 1.90
CA GLU B 231 5.41 22.92 2.81
C GLU B 231 5.82 23.88 3.94
N LYS B 232 5.73 25.22 3.69
CA LYS B 232 6.08 26.26 4.65
C LYS B 232 5.25 26.18 5.92
N GLN B 233 4.15 25.39 5.91
CA GLN B 233 3.30 25.14 7.08
C GLN B 233 4.09 24.40 8.14
N ASP B 234 4.93 23.46 7.69
CA ASP B 234 5.74 22.65 8.58
C ASP B 234 6.83 23.47 9.26
N ILE B 235 7.29 24.57 8.59
CA ILE B 235 8.34 25.45 9.11
C ILE B 235 7.80 26.22 10.36
N TRP B 236 6.59 26.79 10.25
CA TRP B 236 5.90 27.47 11.34
C TRP B 236 5.75 26.53 12.57
N ALA B 237 5.29 25.28 12.32
CA ALA B 237 5.13 24.26 13.36
C ALA B 237 6.46 23.94 14.03
N LEU B 238 7.53 23.77 13.21
CA LEU B 238 8.87 23.49 13.74
C LEU B 238 9.39 24.64 14.62
N GLY B 239 9.14 25.90 14.19
CA GLY B 239 9.49 27.11 14.93
C GLY B 239 8.85 27.10 16.31
N CYS B 240 7.58 26.70 16.38
CA CYS B 240 6.81 26.54 17.62
C CYS B 240 7.49 25.51 18.51
N ILE B 241 7.91 24.35 17.91
CA ILE B 241 8.56 23.26 18.64
C ILE B 241 9.85 23.77 19.27
N LEU B 242 10.71 24.46 18.46
CA LEU B 242 11.99 24.98 18.91
C LEU B 242 11.78 25.97 20.08
N TYR B 243 10.69 26.78 20.03
CA TYR B 243 10.35 27.72 21.09
C TYR B 243 9.97 26.93 22.35
N LEU B 244 9.15 25.89 22.18
CA LEU B 244 8.64 25.05 23.25
C LEU B 244 9.77 24.26 23.96
N LEU B 245 10.75 23.77 23.19
CA LEU B 245 11.88 23.03 23.76
C LEU B 245 12.75 23.96 24.60
N CYS B 246 13.00 25.19 24.10
CA CYS B 246 13.83 26.19 24.74
C CYS B 246 13.14 26.76 25.98
N PHE B 247 11.94 27.30 25.82
CA PHE B 247 11.24 27.93 26.92
C PHE B 247 10.20 26.95 27.45
N ARG B 248 9.52 27.30 28.52
CA ARG B 248 8.57 26.39 29.17
C ARG B 248 7.34 26.03 28.31
N GLN B 249 6.75 27.04 27.69
CA GLN B 249 5.47 26.99 26.99
C GLN B 249 5.56 27.11 25.47
N HIS B 250 4.41 26.83 24.82
CA HIS B 250 4.20 26.99 23.39
C HIS B 250 4.10 28.49 23.09
N PRO B 251 4.65 29.03 21.96
CA PRO B 251 4.60 30.49 21.75
C PRO B 251 3.19 31.05 21.58
N PHE B 252 2.22 30.20 21.20
CA PHE B 252 0.81 30.56 21.02
C PHE B 252 -0.08 29.49 21.69
N GLU B 253 0.18 29.19 22.98
CA GLU B 253 -0.53 28.14 23.72
C GLU B 253 -1.99 28.47 23.97
N ASP B 254 -2.34 29.77 24.10
CA ASP B 254 -3.71 30.24 24.34
C ASP B 254 -4.59 29.95 23.10
N GLY B 255 -3.95 29.60 21.98
CA GLY B 255 -4.60 29.27 20.72
C GLY B 255 -5.35 30.41 20.06
N ALA B 256 -4.98 31.67 20.39
CA ALA B 256 -5.63 32.84 19.84
C ALA B 256 -5.26 33.03 18.38
N LYS B 257 -6.28 33.12 17.51
CA LYS B 257 -6.15 33.33 16.07
C LYS B 257 -5.49 34.69 15.79
N LEU B 258 -5.85 35.72 16.59
CA LEU B 258 -5.31 37.08 16.43
C LEU B 258 -3.82 37.14 16.68
N ARG B 259 -3.32 36.39 17.69
CA ARG B 259 -1.88 36.34 17.99
C ARG B 259 -1.15 35.58 16.88
N ILE B 260 -1.71 34.45 16.42
CA ILE B 260 -1.10 33.63 15.37
C ILE B 260 -1.07 34.36 14.02
N VAL B 261 -2.20 34.93 13.59
CA VAL B 261 -2.32 35.57 12.28
C VAL B 261 -1.42 36.83 12.19
N ASN B 262 -1.17 37.51 13.34
CA ASN B 262 -0.36 38.72 13.39
C ASN B 262 1.09 38.49 13.90
N GLY B 263 1.43 37.22 14.16
CA GLY B 263 2.75 36.81 14.63
C GLY B 263 3.16 37.41 15.97
N LYS B 264 2.18 37.64 16.86
CA LYS B 264 2.41 38.25 18.18
C LYS B 264 2.79 37.20 19.25
N TYR B 265 4.11 37.03 19.38
CA TYR B 265 4.83 36.20 20.35
C TYR B 265 6.09 36.97 20.70
N SER B 266 6.78 36.55 21.75
CA SER B 266 8.02 37.20 22.17
C SER B 266 8.95 36.19 22.79
N ILE B 267 10.24 36.25 22.41
CA ILE B 267 11.27 35.38 22.96
C ILE B 267 11.59 35.97 24.34
N PRO B 268 11.55 35.16 25.44
CA PRO B 268 11.76 35.72 26.81
C PRO B 268 12.90 36.76 26.87
N PRO B 269 12.53 38.02 27.20
CA PRO B 269 13.51 39.13 27.19
C PRO B 269 14.82 38.87 27.93
N HIS B 270 14.79 38.13 29.04
CA HIS B 270 16.02 37.96 29.79
C HIS B 270 16.60 36.53 29.73
N ASP B 271 16.52 35.89 28.54
CA ASP B 271 17.13 34.57 28.34
C ASP B 271 18.58 34.75 27.82
N THR B 272 19.53 33.98 28.41
CA THR B 272 20.94 33.96 27.99
C THR B 272 21.41 32.49 27.85
N GLN B 273 20.46 31.55 27.59
CA GLN B 273 20.78 30.13 27.46
C GLN B 273 20.56 29.64 26.03
N TYR B 274 19.48 30.11 25.39
CA TYR B 274 19.13 29.63 24.05
C TYR B 274 19.24 30.73 22.99
N THR B 275 20.08 31.76 23.25
CA THR B 275 20.33 32.88 22.35
C THR B 275 20.76 32.39 20.95
N VAL B 276 21.55 31.30 20.91
CA VAL B 276 22.06 30.66 19.70
C VAL B 276 20.91 30.30 18.73
N PHE B 277 19.68 30.03 19.26
CA PHE B 277 18.49 29.62 18.52
C PHE B 277 17.51 30.77 18.20
N HIS B 278 17.63 31.94 18.89
CA HIS B 278 16.76 33.12 18.75
C HIS B 278 16.47 33.51 17.30
N SER B 279 17.54 33.71 16.49
CA SER B 279 17.50 34.09 15.07
C SER B 279 16.62 33.13 14.25
N LEU B 280 16.80 31.81 14.47
CA LEU B 280 16.07 30.73 13.81
C LEU B 280 14.57 30.76 14.16
N ILE B 281 14.23 30.89 15.47
CA ILE B 281 12.84 30.99 15.94
C ILE B 281 12.13 32.13 15.19
N ARG B 282 12.79 33.31 15.14
CA ARG B 282 12.25 34.51 14.47
C ARG B 282 12.08 34.30 12.97
N ALA B 283 13.03 33.59 12.32
CA ALA B 283 13.08 33.33 10.88
C ALA B 283 12.06 32.30 10.45
N MET B 284 11.69 31.38 11.36
CA MET B 284 10.73 30.30 11.11
C MET B 284 9.30 30.74 11.38
N LEU B 285 9.11 31.60 12.41
CA LEU B 285 7.79 32.10 12.76
C LEU B 285 7.47 33.42 12.01
N GLN B 286 7.68 33.42 10.68
CA GLN B 286 7.32 34.55 9.80
C GLN B 286 5.88 34.39 9.40
N VAL B 287 5.07 35.44 9.54
CA VAL B 287 3.64 35.43 9.22
C VAL B 287 3.43 35.04 7.74
N ASN B 288 4.12 35.70 6.80
CA ASN B 288 4.02 35.36 5.38
C ASN B 288 4.84 34.07 5.15
N PRO B 289 4.24 32.97 4.61
CA PRO B 289 5.00 31.72 4.40
C PRO B 289 6.18 31.87 3.44
N GLU B 290 6.07 32.79 2.44
CA GLU B 290 7.13 33.04 1.45
C GLU B 290 8.39 33.68 2.07
N GLU B 291 8.25 34.33 3.27
CA GLU B 291 9.29 35.00 4.06
C GLU B 291 9.87 34.08 5.14
N ARG B 292 9.37 32.84 5.21
CA ARG B 292 9.83 31.78 6.11
C ARG B 292 10.98 31.01 5.46
N LEU B 293 11.89 30.45 6.28
CA LEU B 293 13.01 29.62 5.82
C LEU B 293 12.50 28.29 5.16
N SER B 294 13.30 27.69 4.29
CA SER B 294 13.02 26.34 3.75
C SER B 294 13.60 25.32 4.76
N ILE B 295 13.19 24.06 4.68
CA ILE B 295 13.72 23.04 5.60
C ILE B 295 15.24 22.90 5.39
N ALA B 296 15.73 23.06 4.13
CA ALA B 296 17.16 23.01 3.81
C ALA B 296 17.94 24.12 4.50
N GLU B 297 17.39 25.36 4.54
CA GLU B 297 18.04 26.49 5.21
C GLU B 297 18.09 26.23 6.73
N VAL B 298 16.99 25.69 7.29
CA VAL B 298 16.88 25.35 8.72
C VAL B 298 17.93 24.29 9.07
N VAL B 299 18.02 23.20 8.28
CA VAL B 299 19.00 22.11 8.51
C VAL B 299 20.42 22.67 8.43
N HIS B 300 20.70 23.50 7.41
CA HIS B 300 22.02 24.11 7.23
C HIS B 300 22.40 24.96 8.46
N GLN B 301 21.47 25.76 9.00
CA GLN B 301 21.74 26.62 10.15
C GLN B 301 21.96 25.79 11.41
N LEU B 302 21.22 24.69 11.55
CA LEU B 302 21.40 23.80 12.71
C LEU B 302 22.75 23.08 12.62
N GLN B 303 23.19 22.72 11.39
CA GLN B 303 24.50 22.10 11.13
C GLN B 303 25.64 23.03 11.56
N GLU B 304 25.50 24.35 11.28
CA GLU B 304 26.47 25.39 11.64
C GLU B 304 26.61 25.51 13.16
N ILE B 305 25.48 25.54 13.89
CA ILE B 305 25.40 25.62 15.36
C ILE B 305 26.12 24.40 15.97
N ALA B 306 25.83 23.21 15.43
CA ALA B 306 26.43 21.93 15.84
C ALA B 306 27.93 21.89 15.58
N ALA B 307 28.40 22.52 14.49
CA ALA B 307 29.81 22.56 14.12
C ALA B 307 30.58 23.48 15.05
N ALA B 308 30.03 24.67 15.34
CA ALA B 308 30.67 25.64 16.23
C ALA B 308 30.71 25.15 17.70
N ARG B 309 30.05 24.01 17.98
CA ARG B 309 29.95 23.42 19.31
CA ARG B 309 29.96 23.39 19.30
C ARG B 309 30.61 22.00 19.37
N ASN B 310 30.95 21.42 18.21
CA ASN B 310 31.60 20.10 18.06
C ASN B 310 30.70 18.99 18.60
N VAL B 311 29.41 19.12 18.29
CA VAL B 311 28.36 18.18 18.61
C VAL B 311 27.95 17.53 17.31
N ASN B 312 27.81 16.19 17.30
CA ASN B 312 27.26 15.45 16.15
C ASN B 312 25.73 15.46 16.41
N PRO B 313 24.92 16.24 15.66
CA PRO B 313 23.49 16.37 16.02
C PRO B 313 22.66 15.15 15.69
N LYS B 314 23.24 14.14 15.01
CA LYS B 314 22.61 12.84 14.67
C LYS B 314 22.77 11.88 15.85
N SER B 315 23.56 12.29 16.85
CA SER B 315 23.88 11.49 18.04
C SER B 315 22.68 11.18 18.93
N PRO B 316 22.74 10.04 19.64
CA PRO B 316 21.71 9.74 20.64
C PRO B 316 21.56 10.87 21.67
N ILE B 317 20.33 11.17 22.06
CA ILE B 317 20.05 12.19 23.06
C ILE B 317 20.05 11.43 24.40
N THR B 318 21.25 10.93 24.80
CA THR B 318 21.50 10.11 26.01
C THR B 318 21.09 10.82 27.31
N GLU B 319 20.91 12.15 27.26
CA GLU B 319 20.48 13.00 28.37
C GLU B 319 19.04 12.65 28.76
N LEU B 320 18.21 12.27 27.76
CA LEU B 320 16.83 11.84 27.92
C LEU B 320 16.77 10.38 28.38
N LEU B 321 17.28 9.43 27.52
CA LEU B 321 17.35 7.98 27.70
C LEU B 321 17.61 7.53 29.14
N GLU B 322 18.78 7.87 29.67
CA GLU B 322 19.20 7.50 31.01
C GLU B 322 18.56 8.46 32.03
N GLN B 323 17.59 7.94 32.82
CA GLN B 323 16.87 8.70 33.84
C GLN B 323 16.57 7.82 35.06
N GLN C 1 -12.69 -31.00 -30.59
CA GLN C 1 -13.11 -29.89 -29.72
C GLN C 1 -13.88 -30.38 -28.47
N VAL C 2 -13.99 -29.49 -27.47
CA VAL C 2 -14.67 -29.69 -26.18
C VAL C 2 -16.19 -29.98 -26.40
N GLN C 3 -16.72 -30.96 -25.65
CA GLN C 3 -18.12 -31.38 -25.70
C GLN C 3 -18.64 -31.66 -24.29
N LEU C 4 -19.74 -31.01 -23.89
CA LEU C 4 -20.37 -31.19 -22.59
C LEU C 4 -21.85 -31.45 -22.79
N GLN C 5 -22.39 -32.49 -22.14
CA GLN C 5 -23.79 -32.89 -22.30
C GLN C 5 -24.39 -33.12 -20.92
N GLU C 6 -25.47 -32.40 -20.62
CA GLU C 6 -26.14 -32.51 -19.33
C GLU C 6 -27.40 -33.34 -19.45
N SER C 7 -27.84 -33.93 -18.32
CA SER C 7 -29.04 -34.74 -18.16
C SER C 7 -29.46 -34.78 -16.67
N GLY C 8 -30.70 -35.19 -16.40
CA GLY C 8 -31.21 -35.37 -15.04
C GLY C 8 -32.23 -34.36 -14.57
N GLY C 9 -32.32 -33.26 -15.30
CA GLY C 9 -33.25 -32.21 -14.99
C GLY C 9 -34.68 -32.64 -15.23
N GLY C 10 -35.58 -32.01 -14.48
CA GLY C 10 -37.00 -32.30 -14.56
C GLY C 10 -37.84 -31.48 -13.63
N LEU C 11 -39.14 -31.74 -13.69
CA LEU C 11 -40.15 -31.07 -12.89
C LEU C 11 -40.31 -31.87 -11.60
N VAL C 12 -39.90 -31.27 -10.48
CA VAL C 12 -39.92 -31.88 -9.14
C VAL C 12 -40.51 -30.89 -8.13
N GLN C 13 -41.28 -31.41 -7.18
CA GLN C 13 -41.95 -30.68 -6.11
C GLN C 13 -40.97 -29.97 -5.16
N PRO C 14 -41.34 -28.80 -4.59
CA PRO C 14 -40.45 -28.17 -3.59
C PRO C 14 -40.23 -29.13 -2.43
N GLY C 15 -39.00 -29.26 -2.00
CA GLY C 15 -38.59 -30.18 -0.97
C GLY C 15 -37.99 -31.43 -1.58
N GLY C 16 -38.21 -31.61 -2.89
CA GLY C 16 -37.76 -32.75 -3.67
C GLY C 16 -36.27 -32.80 -3.92
N SER C 17 -35.86 -33.83 -4.70
CA SER C 17 -34.46 -34.08 -5.03
C SER C 17 -34.29 -34.50 -6.49
N LEU C 18 -33.12 -34.25 -7.06
CA LEU C 18 -32.69 -34.62 -8.40
C LEU C 18 -31.17 -34.88 -8.42
N ARG C 19 -30.71 -35.58 -9.47
CA ARG C 19 -29.32 -35.91 -9.73
C ARG C 19 -29.00 -35.49 -11.13
N LEU C 20 -28.15 -34.47 -11.28
CA LEU C 20 -27.74 -34.02 -12.61
C LEU C 20 -26.46 -34.74 -13.01
N SER C 21 -26.29 -34.94 -14.32
CA SER C 21 -25.16 -35.65 -14.91
C SER C 21 -24.59 -34.85 -16.04
N CYS C 22 -23.26 -34.90 -16.18
CA CYS C 22 -22.55 -34.19 -17.22
C CYS C 22 -21.44 -35.03 -17.77
N SER C 23 -21.43 -35.24 -19.11
CA SER C 23 -20.38 -36.00 -19.78
C SER C 23 -19.45 -35.05 -20.51
N ALA C 24 -18.14 -35.21 -20.29
CA ALA C 24 -17.14 -34.37 -20.92
C ALA C 24 -16.22 -35.17 -21.84
N SER C 25 -15.81 -34.53 -22.95
CA SER C 25 -14.90 -35.03 -23.99
C SER C 25 -14.32 -33.84 -24.72
N GLY C 26 -13.14 -33.99 -25.29
CA GLY C 26 -12.48 -32.91 -26.03
C GLY C 26 -11.41 -32.15 -25.29
N PHE C 27 -11.17 -32.50 -24.00
CA PHE C 27 -10.15 -31.87 -23.14
C PHE C 27 -9.70 -32.86 -22.05
N LYS C 28 -8.59 -32.56 -21.35
CA LYS C 28 -8.08 -33.41 -20.27
C LYS C 28 -8.85 -33.08 -18.99
N PHE C 29 -9.96 -33.79 -18.81
CA PHE C 29 -10.92 -33.71 -17.71
C PHE C 29 -10.26 -33.92 -16.34
N ASN C 30 -9.45 -34.99 -16.20
CA ASN C 30 -8.72 -35.39 -15.00
C ASN C 30 -7.89 -34.23 -14.36
N ASP C 31 -7.62 -33.17 -15.15
CA ASP C 31 -6.82 -32.00 -14.76
C ASP C 31 -7.63 -30.68 -14.68
N SER C 32 -8.92 -30.71 -15.06
CA SER C 32 -9.79 -29.54 -15.07
C SER C 32 -10.64 -29.40 -13.83
N TYR C 33 -10.69 -28.17 -13.26
CA TYR C 33 -11.60 -27.83 -12.17
C TYR C 33 -12.95 -27.72 -12.86
N MET C 34 -13.96 -28.43 -12.36
CA MET C 34 -15.25 -28.43 -13.01
C MET C 34 -16.27 -27.79 -12.13
N SER C 35 -17.26 -27.12 -12.75
CA SER C 35 -18.34 -26.38 -12.10
C SER C 35 -19.74 -26.70 -12.64
N TRP C 36 -20.73 -26.52 -11.78
CA TRP C 36 -22.15 -26.54 -12.12
C TRP C 36 -22.59 -25.10 -12.04
N VAL C 37 -23.21 -24.63 -13.11
CA VAL C 37 -23.73 -23.26 -13.22
C VAL C 37 -25.17 -23.32 -13.66
N ARG C 38 -25.94 -22.26 -13.42
CA ARG C 38 -27.35 -22.24 -13.85
C ARG C 38 -27.71 -20.90 -14.43
N ARG C 39 -28.57 -20.91 -15.43
CA ARG C 39 -29.12 -19.71 -16.05
C ARG C 39 -30.55 -19.55 -15.53
N VAL C 40 -30.86 -18.38 -14.97
CA VAL C 40 -32.18 -18.16 -14.39
C VAL C 40 -32.85 -17.02 -15.15
N PRO C 41 -34.07 -17.22 -15.71
CA PRO C 41 -34.72 -16.15 -16.45
C PRO C 41 -34.87 -14.88 -15.60
N GLY C 42 -34.48 -13.73 -16.17
CA GLY C 42 -34.55 -12.43 -15.50
C GLY C 42 -33.41 -12.16 -14.54
N LYS C 43 -32.41 -13.08 -14.48
CA LYS C 43 -31.23 -13.01 -13.62
C LYS C 43 -29.95 -13.15 -14.44
N GLY C 44 -29.79 -14.27 -15.13
CA GLY C 44 -28.61 -14.57 -15.93
C GLY C 44 -27.90 -15.82 -15.47
N LEU C 45 -26.54 -15.82 -15.57
CA LEU C 45 -25.78 -16.97 -15.12
C LEU C 45 -25.31 -16.82 -13.71
N GLU C 46 -25.43 -17.88 -12.93
CA GLU C 46 -24.87 -17.89 -11.59
C GLU C 46 -24.17 -19.21 -11.36
N TRP C 47 -22.98 -19.12 -10.74
CA TRP C 47 -22.17 -20.30 -10.39
C TRP C 47 -22.86 -20.99 -9.20
N VAL C 48 -22.91 -22.34 -9.21
CA VAL C 48 -23.64 -23.08 -8.17
C VAL C 48 -22.69 -23.89 -7.29
N ALA C 49 -21.88 -24.75 -7.92
CA ALA C 49 -20.91 -25.61 -7.25
C ALA C 49 -19.74 -25.90 -8.16
N GLY C 50 -18.61 -26.22 -7.55
CA GLY C 50 -17.35 -26.52 -8.24
C GLY C 50 -16.58 -27.59 -7.51
N ILE C 51 -15.71 -28.30 -8.23
CA ILE C 51 -14.94 -29.37 -7.63
C ILE C 51 -13.50 -29.41 -8.23
N TRP C 52 -12.50 -29.63 -7.36
CA TRP C 52 -11.10 -29.78 -7.74
C TRP C 52 -10.93 -30.98 -8.66
N GLU C 53 -9.94 -30.91 -9.56
CA GLU C 53 -9.61 -31.94 -10.56
C GLU C 53 -9.49 -33.37 -9.96
N ASP C 54 -8.98 -33.47 -8.71
CA ASP C 54 -8.75 -34.72 -7.99
C ASP C 54 -9.79 -34.97 -6.87
N SER C 55 -10.80 -34.08 -6.75
CA SER C 55 -11.90 -34.11 -5.78
C SER C 55 -11.45 -33.82 -4.33
N SER C 56 -10.25 -33.23 -4.14
CA SER C 56 -9.73 -32.91 -2.81
C SER C 56 -10.47 -31.69 -2.18
N ALA C 57 -11.30 -30.98 -2.97
CA ALA C 57 -12.08 -29.83 -2.51
C ALA C 57 -13.35 -29.64 -3.34
N ALA C 58 -14.46 -29.34 -2.65
CA ALA C 58 -15.75 -29.05 -3.27
C ALA C 58 -16.23 -27.69 -2.75
N HIS C 59 -16.66 -26.82 -3.68
CA HIS C 59 -17.09 -25.47 -3.34
C HIS C 59 -18.54 -25.27 -3.72
N TYR C 60 -19.27 -24.51 -2.89
CA TYR C 60 -20.69 -24.25 -3.10
C TYR C 60 -21.05 -22.79 -2.84
N ARG C 61 -22.03 -22.28 -3.59
CA ARG C 61 -22.62 -20.97 -3.37
C ARG C 61 -23.45 -21.08 -2.06
N ASP C 62 -23.40 -20.06 -1.18
CA ASP C 62 -24.10 -20.11 0.13
C ASP C 62 -25.54 -20.62 0.07
N SER C 63 -26.33 -20.21 -0.97
CA SER C 63 -27.74 -20.59 -1.12
C SER C 63 -27.97 -22.12 -1.32
N VAL C 64 -26.94 -22.91 -1.72
CA VAL C 64 -27.08 -24.35 -1.93
C VAL C 64 -26.30 -25.16 -0.88
N LYS C 65 -25.50 -24.48 -0.01
CA LYS C 65 -24.73 -25.11 1.06
C LYS C 65 -25.62 -25.97 1.96
N GLY C 66 -25.22 -27.23 2.12
CA GLY C 66 -25.95 -28.21 2.92
C GLY C 66 -27.07 -28.91 2.20
N ARG C 67 -27.39 -28.49 0.97
CA ARG C 67 -28.46 -29.07 0.15
C ARG C 67 -27.91 -29.77 -1.09
N PHE C 68 -26.81 -29.23 -1.66
CA PHE C 68 -26.21 -29.75 -2.88
C PHE C 68 -24.88 -30.42 -2.60
N THR C 69 -24.55 -31.42 -3.44
CA THR C 69 -23.30 -32.16 -3.38
C THR C 69 -22.82 -32.40 -4.82
N ILE C 70 -21.68 -31.82 -5.16
CA ILE C 70 -20.99 -31.98 -6.44
C ILE C 70 -19.97 -33.12 -6.27
N SER C 71 -19.88 -33.96 -7.30
CA SER C 71 -18.95 -35.08 -7.36
C SER C 71 -18.53 -35.26 -8.80
N ARG C 72 -17.54 -36.11 -9.02
CA ARG C 72 -16.99 -36.40 -10.33
C ARG C 72 -16.42 -37.82 -10.38
N ASP C 73 -16.37 -38.38 -11.60
CA ASP C 73 -15.82 -39.69 -11.91
C ASP C 73 -14.82 -39.48 -13.05
N ASN C 74 -13.54 -39.29 -12.69
CA ASN C 74 -12.47 -39.02 -13.66
C ASN C 74 -12.23 -40.21 -14.63
N ALA C 75 -12.58 -41.43 -14.21
CA ALA C 75 -12.47 -42.65 -15.00
C ALA C 75 -13.46 -42.62 -16.17
N LYS C 76 -14.71 -42.20 -15.90
CA LYS C 76 -15.80 -42.16 -16.90
C LYS C 76 -16.03 -40.74 -17.46
N ASN C 77 -15.19 -39.76 -17.02
CA ASN C 77 -15.24 -38.33 -17.39
C ASN C 77 -16.64 -37.76 -17.15
N MET C 78 -17.22 -38.07 -15.98
CA MET C 78 -18.55 -37.63 -15.60
C MET C 78 -18.52 -36.65 -14.43
N LEU C 79 -19.51 -35.73 -14.41
CA LEU C 79 -19.69 -34.75 -13.34
C LEU C 79 -21.12 -34.84 -12.85
N TYR C 80 -21.31 -34.85 -11.53
CA TYR C 80 -22.63 -34.99 -10.92
C TYR C 80 -22.95 -33.87 -9.97
N LEU C 81 -24.27 -33.69 -9.71
CA LEU C 81 -24.79 -32.72 -8.76
C LEU C 81 -26.01 -33.34 -8.10
N GLN C 82 -25.83 -33.76 -6.83
CA GLN C 82 -26.91 -34.29 -6.03
C GLN C 82 -27.60 -33.08 -5.38
N MET C 83 -28.84 -32.82 -5.81
CA MET C 83 -29.67 -31.72 -5.32
C MET C 83 -30.70 -32.29 -4.40
N SER C 84 -30.94 -31.66 -3.27
CA SER C 84 -31.94 -32.11 -2.30
C SER C 84 -32.56 -30.90 -1.61
N SER C 85 -33.73 -31.06 -0.99
CA SER C 85 -34.46 -29.99 -0.29
C SER C 85 -34.59 -28.77 -1.22
N LEU C 86 -35.02 -29.05 -2.48
CA LEU C 86 -35.20 -28.09 -3.56
C LEU C 86 -36.21 -27.00 -3.25
N LYS C 87 -35.82 -25.77 -3.65
CA LYS C 87 -36.52 -24.48 -3.53
C LYS C 87 -36.90 -23.93 -4.91
N SER C 88 -37.88 -23.01 -5.00
CA SER C 88 -38.21 -22.44 -6.32
C SER C 88 -37.02 -21.62 -6.86
N ASP C 89 -36.17 -21.08 -5.96
CA ASP C 89 -34.95 -20.32 -6.31
C ASP C 89 -33.94 -21.18 -7.05
N ASP C 90 -34.13 -22.52 -7.04
CA ASP C 90 -33.26 -23.50 -7.68
C ASP C 90 -33.73 -23.79 -9.11
N THR C 91 -34.92 -23.26 -9.53
CA THR C 91 -35.39 -23.43 -10.89
C THR C 91 -34.45 -22.67 -11.86
N GLY C 92 -34.01 -23.37 -12.90
CA GLY C 92 -33.18 -22.79 -13.95
C GLY C 92 -32.62 -23.84 -14.87
N LEU C 93 -31.90 -23.38 -15.91
CA LEU C 93 -31.16 -24.23 -16.85
C LEU C 93 -29.79 -24.49 -16.26
N TYR C 94 -29.50 -25.75 -15.96
CA TYR C 94 -28.24 -26.13 -15.35
C TYR C 94 -27.28 -26.67 -16.40
N TYR C 95 -26.07 -26.15 -16.35
CA TYR C 95 -24.97 -26.50 -17.23
C TYR C 95 -23.74 -26.80 -16.42
N CYS C 96 -22.88 -27.54 -17.03
CA CYS C 96 -21.64 -27.88 -16.40
C CYS C 96 -20.51 -27.28 -17.28
N VAL C 97 -19.56 -26.58 -16.62
CA VAL C 97 -18.46 -25.88 -17.29
C VAL C 97 -17.15 -26.13 -16.58
N ARG C 98 -16.04 -25.78 -17.25
CA ARG C 98 -14.70 -25.82 -16.70
C ARG C 98 -14.47 -24.54 -15.94
N ARG C 99 -13.52 -24.60 -15.02
CA ARG C 99 -13.04 -23.50 -14.18
C ARG C 99 -14.07 -23.05 -13.17
N GLY C 100 -13.69 -22.04 -12.39
CA GLY C 100 -14.52 -21.55 -11.29
C GLY C 100 -15.30 -20.33 -11.64
N TYR C 101 -15.24 -19.36 -10.73
CA TYR C 101 -16.01 -18.13 -10.83
C TYR C 101 -15.15 -16.94 -10.43
N SER C 102 -15.68 -15.74 -10.69
CA SER C 102 -15.06 -14.46 -10.42
C SER C 102 -16.07 -13.60 -9.69
N GLY C 103 -15.61 -12.85 -8.69
CA GLY C 103 -16.44 -11.98 -7.87
C GLY C 103 -17.72 -12.60 -7.30
N ASP C 104 -18.88 -11.99 -7.65
CA ASP C 104 -20.20 -12.42 -7.16
C ASP C 104 -20.76 -13.62 -7.94
N TYR C 105 -20.17 -14.80 -7.71
CA TYR C 105 -20.55 -16.09 -8.30
C TYR C 105 -20.79 -16.01 -9.83
N ARG C 106 -19.94 -15.31 -10.57
CA ARG C 106 -20.02 -15.17 -12.02
C ARG C 106 -19.03 -16.17 -12.68
N PRO C 107 -19.54 -17.17 -13.45
CA PRO C 107 -18.64 -18.17 -14.05
C PRO C 107 -17.59 -17.57 -14.96
N ILE C 108 -16.41 -18.18 -14.99
CA ILE C 108 -15.29 -17.76 -15.83
C ILE C 108 -15.66 -18.10 -17.27
N ASN C 109 -16.25 -19.29 -17.45
CA ASN C 109 -16.68 -19.78 -18.74
C ASN C 109 -18.19 -19.79 -18.86
N ASN C 110 -18.70 -19.19 -19.98
CA ASN C 110 -20.12 -19.15 -20.32
CA ASN C 110 -20.12 -19.12 -20.34
C ASN C 110 -20.50 -20.47 -21.02
N PRO C 111 -21.61 -21.14 -20.61
CA PRO C 111 -21.91 -22.45 -21.22
C PRO C 111 -22.30 -22.41 -22.69
N SER C 112 -21.71 -23.33 -23.44
CA SER C 112 -21.85 -23.59 -24.88
C SER C 112 -22.80 -24.74 -25.12
N SER C 113 -22.98 -25.61 -24.09
CA SER C 113 -23.83 -26.81 -24.13
C SER C 113 -25.33 -26.49 -24.04
N GLN C 114 -26.14 -27.54 -24.22
CA GLN C 114 -27.59 -27.49 -24.19
C GLN C 114 -28.14 -27.13 -22.81
N GLY C 115 -27.59 -27.76 -21.76
CA GLY C 115 -28.06 -27.59 -20.39
C GLY C 115 -29.24 -28.50 -20.09
N THR C 116 -29.63 -28.59 -18.81
CA THR C 116 -30.78 -29.43 -18.44
C THR C 116 -31.68 -28.55 -17.56
N GLN C 117 -32.99 -28.58 -17.81
CA GLN C 117 -33.97 -27.75 -17.12
C GLN C 117 -34.44 -28.34 -15.78
N VAL C 118 -34.25 -27.59 -14.69
CA VAL C 118 -34.72 -27.98 -13.35
C VAL C 118 -35.87 -27.05 -13.03
N THR C 119 -37.09 -27.60 -12.85
CA THR C 119 -38.30 -26.80 -12.56
C THR C 119 -38.87 -27.26 -11.23
N VAL C 120 -38.80 -26.38 -10.22
CA VAL C 120 -39.26 -26.74 -8.89
C VAL C 120 -40.68 -26.23 -8.73
N SER C 121 -41.62 -27.10 -9.10
CA SER C 121 -43.05 -26.82 -9.16
C SER C 121 -43.86 -28.07 -8.78
N SER C 122 -45.15 -27.89 -8.42
CA SER C 122 -46.09 -28.97 -8.07
C SER C 122 -46.86 -29.46 -9.29
N ALA C 123 -46.78 -28.75 -10.40
CA ALA C 123 -47.53 -29.01 -11.63
C ALA C 123 -47.56 -30.47 -12.01
N ALA C 124 -48.71 -30.93 -12.45
CA ALA C 124 -48.95 -32.31 -12.85
C ALA C 124 -47.96 -32.71 -13.95
N ALA C 125 -47.95 -31.93 -15.03
CA ALA C 125 -47.08 -32.11 -16.19
C ALA C 125 -46.52 -30.74 -16.56
N TYR C 126 -45.49 -30.71 -17.46
CA TYR C 126 -44.88 -29.47 -17.96
C TYR C 126 -45.93 -28.57 -18.63
N PRO C 127 -45.87 -27.23 -18.40
CA PRO C 127 -46.89 -26.32 -18.98
C PRO C 127 -47.13 -26.48 -20.49
N VAL D 2 13.82 -4.23 40.62
CA VAL D 2 14.49 -5.23 39.77
C VAL D 2 15.98 -5.33 40.16
N GLN D 3 16.50 -6.59 40.25
CA GLN D 3 17.89 -6.90 40.58
C GLN D 3 18.39 -8.06 39.71
N LEU D 4 19.50 -7.87 39.00
CA LEU D 4 20.10 -8.89 38.16
C LEU D 4 21.59 -9.00 38.49
N GLN D 5 22.09 -10.22 38.70
CA GLN D 5 23.49 -10.45 39.07
C GLN D 5 24.08 -11.55 38.20
N GLU D 6 25.18 -11.24 37.50
CA GLU D 6 25.86 -12.16 36.59
C GLU D 6 27.15 -12.71 37.19
N SER D 7 27.48 -13.97 36.80
CA SER D 7 28.68 -14.70 37.23
C SER D 7 29.07 -15.75 36.18
N GLY D 8 30.31 -16.26 36.30
CA GLY D 8 30.81 -17.32 35.42
C GLY D 8 31.86 -16.92 34.41
N GLY D 9 31.93 -15.63 34.07
CA GLY D 9 32.90 -15.12 33.11
C GLY D 9 34.33 -15.30 33.58
N GLY D 10 35.25 -15.32 32.63
CA GLY D 10 36.67 -15.50 32.91
C GLY D 10 37.56 -15.48 31.69
N LEU D 11 38.86 -15.62 31.93
CA LEU D 11 39.90 -15.67 30.90
C LEU D 11 40.06 -17.13 30.48
N VAL D 12 39.66 -17.43 29.24
CA VAL D 12 39.67 -18.78 28.67
C VAL D 12 40.29 -18.73 27.25
N GLN D 13 41.02 -19.81 26.89
CA GLN D 13 41.69 -19.99 25.61
C GLN D 13 40.71 -20.09 24.44
N PRO D 14 41.08 -19.61 23.22
CA PRO D 14 40.19 -19.81 22.06
C PRO D 14 39.96 -21.30 21.84
N GLY D 15 38.71 -21.66 21.62
CA GLY D 15 38.27 -23.04 21.48
C GLY D 15 37.66 -23.54 22.77
N GLY D 16 37.91 -22.79 23.85
CA GLY D 16 37.45 -23.09 25.20
C GLY D 16 35.96 -22.95 25.44
N SER D 17 35.55 -23.18 26.70
CA SER D 17 34.15 -23.13 27.12
C SER D 17 33.98 -22.45 28.48
N LEU D 18 32.75 -21.92 28.72
CA LEU D 18 32.33 -21.26 29.95
C LEU D 18 30.82 -21.31 30.09
N ARG D 19 30.31 -21.30 31.34
CA ARG D 19 28.88 -21.30 31.65
C ARG D 19 28.54 -20.05 32.46
N LEU D 20 27.60 -19.23 31.96
CA LEU D 20 27.22 -17.99 32.63
C LEU D 20 25.97 -18.19 33.48
N SER D 21 25.85 -17.40 34.55
CA SER D 21 24.73 -17.48 35.48
C SER D 21 24.18 -16.11 35.76
N CYS D 22 22.86 -16.02 35.88
CA CYS D 22 22.18 -14.76 36.16
C CYS D 22 21.04 -15.01 37.13
N SER D 23 21.03 -14.27 38.25
CA SER D 23 19.98 -14.36 39.27
C SER D 23 19.08 -13.14 39.17
N ALA D 24 17.77 -13.37 39.12
CA ALA D 24 16.79 -12.30 39.01
C ALA D 24 15.86 -12.25 40.23
N SER D 25 15.49 -11.03 40.62
CA SER D 25 14.58 -10.69 41.71
C SER D 25 14.02 -9.30 41.45
N GLY D 26 12.83 -9.00 41.97
CA GLY D 26 12.21 -7.69 41.79
C GLY D 26 11.15 -7.59 40.70
N PHE D 27 10.89 -8.71 39.97
CA PHE D 27 9.88 -8.78 38.91
C PHE D 27 9.41 -10.24 38.74
N LYS D 28 8.27 -10.45 38.01
CA LYS D 28 7.73 -11.79 37.77
C LYS D 28 8.50 -12.42 36.60
N PHE D 29 9.60 -13.11 36.95
CA PHE D 29 10.55 -13.80 36.09
C PHE D 29 9.87 -14.85 35.20
N ASN D 30 9.03 -15.70 35.80
CA ASN D 30 8.29 -16.79 35.16
C ASN D 30 7.49 -16.32 33.90
N ASP D 31 7.26 -15.00 33.77
CA ASP D 31 6.49 -14.36 32.70
C ASP D 31 7.35 -13.47 31.77
N SER D 32 8.63 -13.28 32.09
CA SER D 32 9.54 -12.42 31.32
C SER D 32 10.38 -13.17 30.32
N TYR D 33 10.46 -12.65 29.09
CA TYR D 33 11.38 -13.15 28.05
C TYR D 33 12.74 -12.66 28.51
N MET D 34 13.70 -13.55 28.62
CA MET D 34 15.01 -13.16 29.12
C MET D 34 16.05 -13.29 28.04
N SER D 35 17.06 -12.40 28.07
CA SER D 35 18.14 -12.33 27.09
C SER D 35 19.53 -12.23 27.72
N TRP D 36 20.53 -12.71 26.97
CA TRP D 36 21.94 -12.55 27.24
C TRP D 36 22.42 -11.54 26.21
N VAL D 37 23.06 -10.48 26.72
CA VAL D 37 23.59 -9.40 25.88
C VAL D 37 25.04 -9.18 26.25
N ARG D 38 25.82 -8.55 25.37
CA ARG D 38 27.22 -8.28 25.67
C ARG D 38 27.60 -6.89 25.21
N ARG D 39 28.49 -6.26 25.96
CA ARG D 39 29.05 -4.96 25.64
C ARG D 39 30.46 -5.21 25.14
N VAL D 40 30.79 -4.69 23.97
CA VAL D 40 32.12 -4.90 23.39
C VAL D 40 32.79 -3.54 23.23
N PRO D 41 34.00 -3.34 23.80
CA PRO D 41 34.67 -2.04 23.66
C PRO D 41 34.85 -1.62 22.20
N GLY D 42 34.45 -0.39 21.88
CA GLY D 42 34.52 0.19 20.54
C GLY D 42 33.40 -0.24 19.61
N LYS D 43 32.42 -1.00 20.16
CA LYS D 43 31.24 -1.51 19.43
C LYS D 43 29.94 -1.05 20.13
N GLY D 44 29.76 -1.47 21.37
CA GLY D 44 28.58 -1.16 22.16
C GLY D 44 27.87 -2.40 22.63
N LEU D 45 26.53 -2.32 22.71
CA LEU D 45 25.73 -3.47 23.14
C LEU D 45 25.27 -4.30 22.00
N GLU D 46 25.37 -5.63 22.18
CA GLU D 46 24.94 -6.62 21.21
C GLU D 46 24.07 -7.65 21.89
N TRP D 47 22.91 -7.97 21.30
CA TRP D 47 22.07 -9.04 21.79
C TRP D 47 22.74 -10.37 21.37
N VAL D 48 22.76 -11.38 22.28
CA VAL D 48 23.47 -12.64 21.99
C VAL D 48 22.49 -13.80 21.88
N ALA D 49 21.66 -13.98 22.91
CA ALA D 49 20.70 -15.05 23.03
C ALA D 49 19.50 -14.64 23.89
N GLY D 50 18.37 -15.26 23.62
CA GLY D 50 17.12 -14.99 24.31
C GLY D 50 16.32 -16.26 24.49
N ILE D 51 15.42 -16.27 25.48
CA ILE D 51 14.61 -17.45 25.75
C ILE D 51 13.20 -17.04 26.20
N TRP D 52 12.17 -17.74 25.70
CA TRP D 52 10.77 -17.55 26.05
C TRP D 52 10.57 -17.81 27.54
N GLU D 53 9.59 -17.12 28.15
CA GLU D 53 9.24 -17.20 29.57
C GLU D 53 9.04 -18.66 30.07
N ASP D 54 8.53 -19.55 29.20
CA ASP D 54 8.23 -20.96 29.50
C ASP D 54 9.25 -21.93 28.86
N SER D 55 10.30 -21.38 28.20
CA SER D 55 11.40 -22.10 27.51
C SER D 55 10.93 -22.85 26.24
N SER D 56 9.74 -22.49 25.69
CA SER D 56 9.23 -23.13 24.46
C SER D 56 10.01 -22.70 23.21
N ALA D 57 10.87 -21.65 23.32
CA ALA D 57 11.70 -21.14 22.23
C ALA D 57 12.99 -20.49 22.74
N ALA D 58 14.11 -20.76 22.05
CA ALA D 58 15.41 -20.17 22.32
C ALA D 58 15.93 -19.52 21.05
N HIS D 59 16.39 -18.27 21.15
CA HIS D 59 16.87 -17.50 19.99
C HIS D 59 18.32 -17.12 20.14
N TYR D 60 19.05 -17.13 19.02
CA TYR D 60 20.49 -16.84 19.02
C TYR D 60 20.89 -15.94 17.84
N ARG D 61 21.92 -15.07 18.07
CA ARG D 61 22.53 -14.24 17.03
C ARG D 61 23.35 -15.20 16.14
N ASP D 62 23.31 -15.04 14.82
CA ASP D 62 23.98 -15.96 13.88
C ASP D 62 25.42 -16.35 14.28
N SER D 63 26.23 -15.39 14.79
CA SER D 63 27.63 -15.61 15.17
C SER D 63 27.82 -16.62 16.34
N VAL D 64 26.77 -16.89 17.15
CA VAL D 64 26.88 -17.84 18.28
C VAL D 64 26.07 -19.13 18.03
N LYS D 65 25.27 -19.17 16.93
CA LYS D 65 24.46 -20.34 16.55
C LYS D 65 25.33 -21.60 16.47
N GLY D 66 24.91 -22.63 17.19
CA GLY D 66 25.57 -23.92 17.28
C GLY D 66 26.70 -24.00 18.30
N ARG D 67 27.06 -22.85 18.90
CA ARG D 67 28.12 -22.77 19.91
C ARG D 67 27.57 -22.44 21.30
N PHE D 68 26.49 -21.64 21.35
CA PHE D 68 25.89 -21.20 22.60
C PHE D 68 24.54 -21.85 22.84
N THR D 69 24.20 -22.02 24.12
CA THR D 69 22.93 -22.58 24.57
C THR D 69 22.45 -21.80 25.80
N ILE D 70 21.31 -21.10 25.63
CA ILE D 70 20.62 -20.35 26.68
C ILE D 70 19.58 -21.28 27.32
N SER D 71 19.46 -21.21 28.63
CA SER D 71 18.50 -21.98 29.42
C SER D 71 18.07 -21.13 30.61
N ARG D 72 17.04 -21.59 31.32
CA ARG D 72 16.49 -20.90 32.48
C ARG D 72 15.88 -21.90 33.46
N ASP D 73 15.82 -21.50 34.75
CA ASP D 73 15.23 -22.24 35.85
C ASP D 73 14.25 -21.28 36.54
N ASN D 74 12.97 -21.34 36.14
CA ASN D 74 11.92 -20.47 36.66
C ASN D 74 11.65 -20.69 38.16
N ALA D 75 11.95 -21.90 38.67
CA ALA D 75 11.80 -22.26 40.07
C ALA D 75 12.81 -21.49 40.94
N LYS D 76 14.08 -21.40 40.48
CA LYS D 76 15.17 -20.74 41.21
C LYS D 76 15.45 -19.31 40.67
N ASN D 77 14.65 -18.86 39.67
CA ASN D 77 14.74 -17.55 39.00
C ASN D 77 16.16 -17.32 38.46
N MET D 78 16.71 -18.35 37.79
CA MET D 78 18.07 -18.31 37.23
C MET D 78 18.05 -18.37 35.71
N LEU D 79 19.07 -17.74 35.09
CA LEU D 79 19.28 -17.74 33.64
C LEU D 79 20.70 -18.17 33.36
N TYR D 80 20.88 -19.06 32.38
CA TYR D 80 22.19 -19.62 32.05
C TYR D 80 22.55 -19.43 30.58
N LEU D 81 23.86 -19.49 30.29
CA LEU D 81 24.41 -19.41 28.94
C LEU D 81 25.63 -20.33 28.87
N GLN D 82 25.46 -21.48 28.20
CA GLN D 82 26.54 -22.43 27.98
C GLN D 82 27.24 -22.00 26.70
N MET D 83 28.49 -21.55 26.85
CA MET D 83 29.34 -21.09 25.75
C MET D 83 30.37 -22.16 25.48
N SER D 84 30.61 -22.45 24.20
CA SER D 84 31.59 -23.46 23.80
C SER D 84 32.22 -23.04 22.47
N SER D 85 33.40 -23.61 22.12
CA SER D 85 34.13 -23.30 20.88
C SER D 85 34.30 -21.78 20.73
N LEU D 86 34.73 -21.14 21.84
CA LEU D 86 34.92 -19.69 21.98
C LEU D 86 35.95 -19.12 21.01
N LYS D 87 35.61 -17.96 20.43
CA LYS D 87 36.46 -17.19 19.52
C LYS D 87 36.75 -15.82 20.16
N SER D 88 37.69 -15.01 19.62
CA SER D 88 38.02 -13.71 20.22
C SER D 88 36.87 -12.71 20.08
N ASP D 89 36.02 -12.89 19.03
CA ASP D 89 34.83 -12.05 18.79
C ASP D 89 33.78 -12.18 19.91
N ASP D 90 33.95 -13.19 20.79
CA ASP D 90 33.08 -13.46 21.93
C ASP D 90 33.55 -12.71 23.19
N THR D 91 34.74 -12.07 23.13
CA THR D 91 35.22 -11.27 24.26
C THR D 91 34.31 -10.04 24.47
N GLY D 92 33.88 -9.86 25.71
CA GLY D 92 33.05 -8.72 26.10
C GLY D 92 32.46 -8.87 27.48
N LEU D 93 31.76 -7.82 27.95
CA LEU D 93 31.02 -7.83 29.22
C LEU D 93 29.65 -8.39 28.97
N TYR D 94 29.35 -9.52 29.59
CA TYR D 94 28.07 -10.19 29.39
C TYR D 94 27.12 -9.88 30.52
N TYR D 95 25.90 -9.50 30.13
CA TYR D 95 24.81 -9.15 31.04
C TYR D 95 23.56 -9.92 30.63
N CYS D 96 22.65 -10.10 31.59
CA CYS D 96 21.38 -10.76 31.35
C CYS D 96 20.25 -9.76 31.63
N VAL D 97 19.41 -9.51 30.61
CA VAL D 97 18.33 -8.51 30.65
C VAL D 97 17.00 -9.12 30.25
N ARG D 98 15.92 -8.37 30.52
CA ARG D 98 14.58 -8.72 30.12
C ARG D 98 14.36 -8.27 28.70
N ARG D 99 13.41 -8.90 28.03
CA ARG D 99 12.94 -8.63 26.68
C ARG D 99 13.99 -9.01 25.63
N GLY D 100 13.63 -8.79 24.37
CA GLY D 100 14.45 -9.18 23.24
C GLY D 100 15.25 -8.05 22.67
N TYR D 101 15.22 -7.94 21.34
CA TYR D 101 15.99 -6.96 20.60
C TYR D 101 15.17 -6.29 19.50
N SER D 102 15.74 -5.24 18.91
CA SER D 102 15.18 -4.43 17.84
C SER D 102 16.21 -4.31 16.74
N GLY D 103 15.77 -4.39 15.49
CA GLY D 103 16.65 -4.29 14.32
C GLY D 103 17.88 -5.18 14.32
N ASP D 104 19.06 -4.54 14.19
CA ASP D 104 20.36 -5.22 14.13
C ASP D 104 20.88 -5.62 15.52
N TYR D 105 20.25 -6.66 16.12
CA TYR D 105 20.57 -7.24 17.42
C TYR D 105 20.83 -6.18 18.53
N ARG D 106 19.99 -5.15 18.60
CA ARG D 106 20.09 -4.08 19.60
C ARG D 106 19.08 -4.35 20.73
N PRO D 107 19.56 -4.60 21.97
CA PRO D 107 18.64 -4.92 23.08
C PRO D 107 17.60 -3.83 23.34
N ILE D 108 16.40 -4.24 23.75
CA ILE D 108 15.32 -3.32 24.07
C ILE D 108 15.67 -2.63 25.37
N ASN D 109 16.24 -3.40 26.32
CA ASN D 109 16.68 -2.93 27.62
C ASN D 109 18.20 -2.82 27.69
N ASN D 110 18.71 -1.66 28.21
CA ASN D 110 20.14 -1.41 28.41
CA ASN D 110 20.15 -1.40 28.42
C ASN D 110 20.52 -1.89 29.83
N PRO D 111 21.50 -2.82 29.97
CA PRO D 111 21.85 -3.34 31.31
C PRO D 111 22.11 -2.30 32.40
N SER D 112 21.60 -2.60 33.60
CA SER D 112 21.74 -1.82 34.84
C SER D 112 22.65 -2.59 35.82
N SER D 113 22.83 -3.90 35.55
CA SER D 113 23.62 -4.89 36.27
C SER D 113 25.13 -4.70 36.04
N GLN D 114 25.96 -5.33 36.91
CA GLN D 114 27.43 -5.26 36.87
C GLN D 114 28.01 -5.97 35.65
N GLY D 115 27.48 -7.17 35.36
CA GLY D 115 27.93 -7.99 34.24
C GLY D 115 29.11 -8.89 34.56
N THR D 116 29.40 -9.83 33.66
CA THR D 116 30.50 -10.77 33.81
C THR D 116 31.43 -10.67 32.57
N GLN D 117 32.75 -10.49 32.82
CA GLN D 117 33.75 -10.33 31.77
C GLN D 117 34.20 -11.67 31.18
N VAL D 118 34.04 -11.84 29.86
CA VAL D 118 34.50 -13.01 29.13
C VAL D 118 35.66 -12.54 28.28
N THR D 119 36.87 -13.09 28.52
CA THR D 119 38.07 -12.72 27.76
C THR D 119 38.63 -13.97 27.09
N VAL D 120 38.58 -14.01 25.76
CA VAL D 120 39.06 -15.17 25.03
C VAL D 120 40.50 -14.90 24.54
N SER D 121 41.52 -15.23 25.36
CA SER D 121 42.92 -14.95 24.97
C SER D 121 43.84 -16.18 25.12
N SER D 122 45.15 -16.00 24.82
CA SER D 122 46.19 -17.03 24.87
C SER D 122 46.52 -17.43 26.31
#